data_7FSQ
#
_entry.id   7FSQ
#
_cell.length_a   80.334
_cell.length_b   49.618
_cell.length_c   115.944
_cell.angle_alpha   90.000
_cell.angle_beta   94.890
_cell.angle_gamma   90.000
#
_symmetry.space_group_name_H-M   'P 1 21 1'
#
loop_
_entity.id
_entity.type
_entity.pdbx_description
1 polymer Syntenin-1
2 non-polymer 4-methoxy-1H-indole
3 non-polymer 1,2-ETHANEDIOL
4 non-polymer 'D-GLUTAMIC ACID'
5 non-polymer GLYCINE
6 non-polymer 'SULFATE ION'
7 non-polymer ALANINE
8 water water
#
_entity_poly.entity_id   1
_entity_poly.type   'polypeptide(L)'
_entity_poly.pdbx_seq_one_letter_code
;SMAEIKQGIREVILCKDQDGKIGLRLKSIDNGIFVQLVQANSPASLVGLRFGDQVLQINGENCAGWSSDKAHKVLKQAFG
EKITMTIRDRPFERTITMHKDSTGHVGFIFKNGKITSIVKDSSAARNGLLTEHNICEINGQNVIGLKDSQIADILSTSGT
VVTITIMPAFIFEHIIKRMAPSIMKSLMDHTIPEV
;
_entity_poly.pdbx_strand_id   A,B,C,D
#
# COMPACT_ATOMS: atom_id res chain seq x y z
N ILE A 5 13.15 22.83 10.56
CA ILE A 5 12.99 22.10 9.27
C ILE A 5 13.85 22.81 8.22
N LYS A 6 14.90 22.13 7.73
CA LYS A 6 15.68 22.57 6.57
C LYS A 6 14.97 22.13 5.28
N GLN A 7 15.15 22.88 4.18
CA GLN A 7 14.55 22.56 2.89
C GLN A 7 15.53 21.74 2.06
N GLY A 8 16.08 20.75 2.75
CA GLY A 8 17.32 20.12 2.39
C GLY A 8 17.19 18.60 2.47
N ILE A 9 17.73 18.00 1.40
CA ILE A 9 18.20 16.64 1.36
C ILE A 9 19.61 16.67 1.89
N ARG A 10 19.98 15.68 2.71
CA ARG A 10 21.30 15.62 3.31
C ARG A 10 21.73 14.17 3.35
N GLU A 11 23.02 13.93 3.58
CA GLU A 11 23.56 12.59 3.56
C GLU A 11 24.03 12.29 4.97
N VAL A 12 23.64 11.13 5.51
CA VAL A 12 24.23 10.66 6.76
C VAL A 12 25.01 9.36 6.53
N ILE A 13 26.07 9.20 7.29
CA ILE A 13 26.88 8.02 7.21
C ILE A 13 26.81 7.36 8.57
N LEU A 14 26.43 6.10 8.57
CA LEU A 14 25.86 5.46 9.73
C LEU A 14 26.66 4.18 9.89
N CYS A 15 26.68 3.62 11.09
CA CYS A 15 27.56 2.49 11.33
C CYS A 15 27.01 1.60 12.43
N LYS A 16 26.67 0.32 12.10
CA LYS A 16 26.05 -0.60 13.03
C LYS A 16 26.82 -0.66 14.34
N ASP A 17 26.13 -0.78 15.47
CA ASP A 17 26.78 -0.86 16.76
C ASP A 17 27.33 -2.28 16.91
N GLN A 18 27.91 -2.59 18.07
CA GLN A 18 28.45 -3.90 18.40
C GLN A 18 27.41 -4.98 18.18
N ASP A 19 26.17 -4.68 18.57
CA ASP A 19 25.09 -5.65 18.53
C ASP A 19 24.51 -5.80 17.12
N GLY A 20 25.06 -5.07 16.13
CA GLY A 20 24.54 -5.08 14.77
C GLY A 20 23.30 -4.21 14.59
N LYS A 21 23.15 -3.21 15.48
CA LYS A 21 21.97 -2.36 15.54
C LYS A 21 22.26 -0.95 15.03
N ILE A 22 21.27 -0.30 14.42
CA ILE A 22 21.44 1.11 14.11
C ILE A 22 20.54 1.96 14.99
N GLY A 23 19.48 1.38 15.54
CA GLY A 23 18.61 2.08 16.47
C GLY A 23 17.43 2.73 15.79
N LEU A 24 16.89 2.06 14.75
CA LEU A 24 15.97 2.71 13.85
C LEU A 24 14.78 1.80 13.54
N ARG A 25 13.59 2.40 13.49
CA ARG A 25 12.41 1.78 12.90
C ARG A 25 11.79 2.73 11.88
N LEU A 26 11.34 2.16 10.75
CA LEU A 26 10.95 2.89 9.57
C LEU A 26 9.48 2.61 9.28
N LYS A 27 8.79 3.54 8.63
CA LYS A 27 7.40 3.33 8.25
C LYS A 27 7.13 3.81 6.82
N SER A 28 6.39 2.97 6.09
CA SER A 28 5.92 3.30 4.76
C SER A 28 4.73 4.25 4.87
N ILE A 29 4.88 5.45 4.29
CA ILE A 29 3.81 6.44 4.23
C ILE A 29 3.75 7.01 2.81
N ASP A 30 2.55 7.00 2.20
CA ASP A 30 2.36 7.63 0.90
C ASP A 30 3.50 7.28 -0.04
N ASN A 31 3.95 6.01 -0.02
CA ASN A 31 4.96 5.47 -0.92
C ASN A 31 6.37 6.02 -0.69
N GLY A 32 6.57 6.67 0.46
CA GLY A 32 7.91 6.91 0.93
C GLY A 32 8.19 6.08 2.19
N ILE A 33 9.40 6.29 2.71
CA ILE A 33 9.83 5.66 3.96
C ILE A 33 10.21 6.77 4.94
N PHE A 34 9.59 6.71 6.14
CA PHE A 34 9.77 7.73 7.16
C PHE A 34 10.28 7.09 8.47
N VAL A 35 10.99 7.91 9.25
CA VAL A 35 11.46 7.46 10.56
C VAL A 35 10.29 7.46 11.55
N GLN A 36 10.00 6.27 12.09
CA GLN A 36 8.97 6.07 13.11
C GLN A 36 9.60 6.13 14.50
N LEU A 37 10.84 5.65 14.65
CA LEU A 37 11.50 5.73 15.96
C LEU A 37 13.03 5.73 15.84
N VAL A 38 13.65 6.64 16.62
CA VAL A 38 15.11 6.67 16.82
C VAL A 38 15.35 6.30 18.28
N GLN A 39 16.17 5.27 18.47
CA GLN A 39 16.49 4.72 19.78
C GLN A 39 17.57 5.61 20.41
N ALA A 40 17.49 5.79 21.73
CA ALA A 40 18.49 6.55 22.48
C ALA A 40 19.84 5.85 22.41
N ASN A 41 20.93 6.63 22.44
CA ASN A 41 22.30 6.13 22.43
C ASN A 41 22.51 5.11 21.30
N SER A 42 22.03 5.45 20.11
CA SER A 42 22.18 4.53 18.98
C SER A 42 22.98 5.20 17.88
N PRO A 43 23.47 4.41 16.90
CA PRO A 43 24.04 5.00 15.70
C PRO A 43 23.10 6.02 15.06
N ALA A 44 21.79 5.75 15.04
CA ALA A 44 20.89 6.64 14.29
C ALA A 44 20.78 7.99 14.99
N SER A 45 20.73 7.96 16.32
CA SER A 45 20.66 9.16 17.14
C SER A 45 21.95 9.99 17.07
N LEU A 46 23.12 9.35 17.02
CA LEU A 46 24.38 10.08 16.96
C LEU A 46 24.52 10.85 15.66
N VAL A 47 24.07 10.24 14.54
CA VAL A 47 24.19 10.92 13.26
C VAL A 47 23.06 11.92 13.10
N GLY A 48 22.10 11.94 14.03
CA GLY A 48 21.14 13.03 14.04
C GLY A 48 19.90 12.74 13.22
N LEU A 49 19.52 11.48 13.10
CA LEU A 49 18.23 11.09 12.53
C LEU A 49 17.13 11.51 13.50
N ARG A 50 16.02 11.98 12.94
CA ARG A 50 14.90 12.47 13.74
C ARG A 50 13.61 11.75 13.34
N PHE A 51 12.73 11.47 14.31
CA PHE A 51 11.36 11.13 14.03
C PHE A 51 10.81 12.02 12.91
N GLY A 52 10.09 11.43 11.95
CA GLY A 52 9.50 12.24 10.89
C GLY A 52 10.36 12.42 9.64
N ASP A 53 11.66 12.16 9.75
CA ASP A 53 12.58 12.33 8.63
C ASP A 53 12.19 11.34 7.54
N GLN A 54 12.37 11.73 6.26
CA GLN A 54 12.19 10.83 5.15
C GLN A 54 13.54 10.21 4.72
N VAL A 55 13.58 8.89 4.56
CA VAL A 55 14.70 8.18 3.96
C VAL A 55 14.47 8.08 2.45
N LEU A 56 15.21 8.88 1.67
CA LEU A 56 15.12 8.85 0.21
C LEU A 56 15.90 7.65 -0.36
N GLN A 57 17.14 7.48 0.10
CA GLN A 57 17.94 6.33 -0.29
C GLN A 57 18.65 5.71 0.89
N ILE A 58 18.80 4.39 0.80
CA ILE A 58 19.74 3.65 1.63
C ILE A 58 20.77 3.00 0.71
N ASN A 59 22.06 3.23 0.99
CA ASN A 59 23.16 2.81 0.14
C ASN A 59 22.82 2.99 -1.35
N GLY A 60 22.36 4.19 -1.72
CA GLY A 60 22.30 4.59 -3.12
C GLY A 60 21.14 3.96 -3.86
N GLU A 61 20.35 3.12 -3.18
CA GLU A 61 19.17 2.51 -3.78
C GLU A 61 17.96 3.32 -3.33
N ASN A 62 16.99 3.55 -4.21
CA ASN A 62 15.83 4.37 -3.90
C ASN A 62 14.80 3.66 -3.03
N CYS A 63 14.22 4.38 -2.05
CA CYS A 63 13.31 3.76 -1.10
C CYS A 63 11.88 3.80 -1.62
N ALA A 64 11.61 4.56 -2.68
CA ALA A 64 10.23 4.74 -3.12
C ALA A 64 9.52 3.39 -3.25
N GLY A 65 8.28 3.36 -2.78
CA GLY A 65 7.45 2.19 -2.89
C GLY A 65 7.76 1.07 -1.92
N TRP A 66 8.87 1.13 -1.14
CA TRP A 66 9.20 -0.01 -0.28
C TRP A 66 8.19 -0.16 0.84
N SER A 67 7.95 -1.41 1.25
CA SER A 67 7.19 -1.65 2.46
C SER A 67 8.10 -1.42 3.65
N SER A 68 7.53 -1.34 4.85
CA SER A 68 8.33 -1.26 6.05
C SER A 68 9.20 -2.53 6.22
N ASP A 69 8.62 -3.71 5.99
CA ASP A 69 9.41 -4.93 6.12
C ASP A 69 10.64 -4.91 5.22
N LYS A 70 10.48 -4.47 3.97
CA LYS A 70 11.59 -4.39 3.03
C LYS A 70 12.67 -3.45 3.55
N ALA A 71 12.24 -2.32 4.11
CA ALA A 71 13.20 -1.32 4.56
C ALA A 71 14.00 -1.88 5.74
N HIS A 72 13.34 -2.60 6.67
CA HIS A 72 14.01 -3.24 7.80
C HIS A 72 14.88 -4.42 7.36
N LYS A 73 14.46 -5.17 6.33
CA LYS A 73 15.31 -6.23 5.77
C LYS A 73 16.55 -5.59 5.16
N VAL A 74 16.35 -4.57 4.33
CA VAL A 74 17.47 -3.89 3.71
C VAL A 74 18.49 -3.50 4.78
N LEU A 75 18.04 -2.81 5.83
CA LEU A 75 18.99 -2.33 6.83
C LEU A 75 19.74 -3.52 7.46
N LYS A 76 19.01 -4.61 7.71
CA LYS A 76 19.57 -5.80 8.35
C LYS A 76 20.63 -6.42 7.43
N GLN A 77 20.36 -6.50 6.13
CA GLN A 77 21.22 -7.24 5.22
C GLN A 77 22.46 -6.45 4.81
N ALA A 78 22.52 -5.15 5.13
CA ALA A 78 23.67 -4.33 4.76
C ALA A 78 24.90 -4.74 5.58
N PHE A 79 26.09 -4.48 5.03
CA PHE A 79 27.36 -4.56 5.75
C PHE A 79 27.49 -3.33 6.67
N GLY A 80 27.64 -3.57 7.98
CA GLY A 80 27.53 -2.50 8.96
C GLY A 80 28.82 -1.67 9.09
N GLU A 81 29.72 -1.78 8.11
CA GLU A 81 30.93 -0.97 8.04
C GLU A 81 30.50 0.47 7.75
N LYS A 82 29.68 0.64 6.71
CA LYS A 82 29.21 1.96 6.34
C LYS A 82 27.89 1.85 5.59
N ILE A 83 26.83 2.40 6.18
CA ILE A 83 25.55 2.57 5.51
C ILE A 83 25.38 4.06 5.22
N THR A 84 25.11 4.40 3.96
CA THR A 84 24.82 5.78 3.65
C THR A 84 23.31 5.89 3.50
N MET A 85 22.79 7.06 3.87
CA MET A 85 21.38 7.31 3.73
C MET A 85 21.19 8.71 3.16
N THR A 86 20.18 8.86 2.34
CA THR A 86 19.78 10.17 1.87
C THR A 86 18.47 10.56 2.54
N ILE A 87 18.49 11.72 3.20
CA ILE A 87 17.47 12.16 4.15
C ILE A 87 16.89 13.49 3.68
N ARG A 88 15.55 13.58 3.64
CA ARG A 88 14.83 14.84 3.59
C ARG A 88 14.32 15.16 4.98
N ASP A 89 14.54 16.38 5.44
CA ASP A 89 14.33 16.72 6.84
C ASP A 89 12.85 16.89 7.16
N ARG A 90 12.38 16.15 8.18
CA ARG A 90 11.02 16.13 8.73
C ARG A 90 9.98 16.81 7.85
N PRO A 91 9.65 16.22 6.69
CA PRO A 91 8.87 16.94 5.68
C PRO A 91 7.41 17.14 6.03
N PHE A 92 6.89 16.38 6.99
CA PHE A 92 5.50 16.50 7.38
C PHE A 92 5.38 17.46 8.57
N GLU A 93 6.48 18.06 9.04
CA GLU A 93 6.39 18.85 10.25
C GLU A 93 6.69 20.31 9.93
N ARG A 94 6.28 21.22 10.84
CA ARG A 94 6.65 22.63 10.82
C ARG A 94 7.04 23.12 12.22
N THR A 95 7.90 24.14 12.25
CA THR A 95 8.35 24.74 13.50
C THR A 95 7.74 26.12 13.64
N ILE A 96 7.22 26.38 14.84
CA ILE A 96 6.61 27.65 15.22
C ILE A 96 7.40 28.21 16.40
N THR A 97 7.82 29.47 16.32
CA THR A 97 8.48 30.16 17.43
C THR A 97 7.46 31.04 18.15
N MET A 98 7.54 31.04 19.48
CA MET A 98 6.60 31.74 20.34
C MET A 98 7.35 32.39 21.50
N HIS A 99 6.68 33.32 22.20
CA HIS A 99 7.28 34.06 23.30
C HIS A 99 6.34 33.90 24.49
N LYS A 100 6.89 33.52 25.64
CA LYS A 100 6.08 33.40 26.84
C LYS A 100 5.71 34.79 27.30
N ASP A 101 4.50 34.94 27.83
CA ASP A 101 4.05 36.22 28.39
C ASP A 101 4.76 36.44 29.73
N SER A 102 4.20 37.29 30.60
CA SER A 102 4.85 37.62 31.85
C SER A 102 4.54 36.51 32.86
N THR A 103 3.34 35.95 32.77
CA THR A 103 2.91 34.87 33.64
C THR A 103 3.34 33.52 33.06
N GLY A 104 4.30 33.53 32.12
CA GLY A 104 4.94 32.34 31.60
C GLY A 104 4.01 31.44 30.79
N HIS A 105 3.18 32.03 29.91
CA HIS A 105 2.27 31.27 29.04
C HIS A 105 2.60 31.53 27.58
N VAL A 106 2.41 30.53 26.70
CA VAL A 106 2.48 30.73 25.25
C VAL A 106 1.07 30.78 24.67
N GLY A 107 0.15 30.01 25.25
CA GLY A 107 -1.27 30.22 25.05
C GLY A 107 -1.89 29.15 24.16
N PHE A 108 -1.76 27.88 24.57
CA PHE A 108 -2.62 26.80 24.09
C PHE A 108 -2.89 25.79 25.20
N ILE A 109 -3.81 24.87 24.91
CA ILE A 109 -4.10 23.67 25.67
C ILE A 109 -3.77 22.48 24.78
N PHE A 110 -3.26 21.40 25.39
CA PHE A 110 -2.92 20.20 24.67
C PHE A 110 -3.37 19.01 25.50
N LYS A 111 -3.77 17.93 24.83
CA LYS A 111 -4.14 16.68 25.49
C LYS A 111 -3.53 15.51 24.72
N ASN A 112 -2.76 14.65 25.42
CA ASN A 112 -1.97 13.57 24.83
C ASN A 112 -1.04 14.11 23.76
N GLY A 113 -0.36 15.21 24.04
CA GLY A 113 0.58 15.77 23.10
C GLY A 113 -0.07 16.47 21.88
N LYS A 114 -1.40 16.41 21.76
CA LYS A 114 -2.11 17.03 20.65
C LYS A 114 -2.79 18.34 21.05
N ILE A 115 -2.49 19.42 20.31
CA ILE A 115 -3.01 20.75 20.62
C ILE A 115 -4.48 20.79 20.23
N THR A 116 -5.33 21.35 21.13
CA THR A 116 -6.79 21.24 21.03
C THR A 116 -7.49 22.58 21.18
N SER A 117 -6.81 23.62 21.67
CA SER A 117 -7.38 24.95 21.55
C SER A 117 -6.27 25.97 21.68
N ILE A 118 -6.49 27.14 21.10
CA ILE A 118 -5.54 28.25 21.13
C ILE A 118 -6.15 29.39 21.98
N VAL A 119 -5.36 29.95 22.87
CA VAL A 119 -5.90 30.90 23.82
C VAL A 119 -5.89 32.30 23.20
N LYS A 120 -7.06 32.94 23.28
CA LYS A 120 -7.31 34.20 22.60
C LYS A 120 -6.21 35.18 23.02
N ASP A 121 -5.68 35.90 22.04
CA ASP A 121 -4.68 36.95 22.22
C ASP A 121 -3.41 36.43 22.90
N SER A 122 -2.98 35.20 22.60
CA SER A 122 -1.69 34.70 23.05
C SER A 122 -0.64 34.82 21.94
N SER A 123 0.62 34.55 22.30
CA SER A 123 1.68 34.36 21.32
C SER A 123 1.34 33.23 20.34
N ALA A 124 0.79 32.14 20.88
CA ALA A 124 0.35 31.01 20.08
C ALA A 124 -0.65 31.48 19.02
N ALA A 125 -1.50 32.44 19.44
CA ALA A 125 -2.55 32.95 18.58
C ALA A 125 -1.93 33.87 17.55
N ARG A 126 -1.01 34.74 17.98
CA ARG A 126 -0.36 35.68 17.07
C ARG A 126 0.52 34.96 16.07
N ASN A 127 0.94 33.73 16.41
CA ASN A 127 1.91 33.01 15.60
C ASN A 127 1.26 31.93 14.73
N GLY A 128 -0.05 31.73 14.84
CA GLY A 128 -0.77 30.88 13.91
C GLY A 128 -0.65 29.39 14.23
N LEU A 129 -0.50 29.10 15.54
CA LEU A 129 -0.50 27.72 15.99
C LEU A 129 -1.88 27.12 15.74
N LEU A 130 -1.90 25.88 15.28
CA LEU A 130 -3.10 25.18 14.90
C LEU A 130 -3.40 24.10 15.92
N THR A 131 -4.68 23.74 15.98
CA THR A 131 -5.18 22.59 16.70
C THR A 131 -5.13 21.34 15.80
N GLU A 132 -5.51 20.20 16.38
CA GLU A 132 -5.43 18.92 15.69
C GLU A 132 -3.99 18.67 15.23
N HIS A 133 -3.01 19.15 16.00
CA HIS A 133 -1.61 18.99 15.63
C HIS A 133 -0.87 18.29 16.77
N ASN A 134 -0.08 17.26 16.47
CA ASN A 134 0.71 16.60 17.49
C ASN A 134 2.02 17.33 17.68
N ILE A 135 2.38 17.46 18.96
CA ILE A 135 3.68 18.01 19.32
C ILE A 135 4.73 16.91 19.21
N CYS A 136 5.82 17.20 18.49
CA CYS A 136 6.86 16.25 18.13
C CYS A 136 8.15 16.64 18.85
N GLU A 137 8.43 17.94 18.85
CA GLU A 137 9.67 18.43 19.42
C GLU A 137 9.39 19.76 20.16
N ILE A 138 10.15 20.02 21.24
CA ILE A 138 10.21 21.33 21.87
C ILE A 138 11.68 21.77 21.98
N ASN A 139 11.96 22.95 21.44
CA ASN A 139 13.31 23.49 21.32
C ASN A 139 14.28 22.38 20.92
N GLY A 140 13.94 21.68 19.83
CA GLY A 140 14.84 20.71 19.21
C GLY A 140 14.92 19.37 19.95
N GLN A 141 14.10 19.18 20.97
CA GLN A 141 14.11 17.98 21.77
C GLN A 141 12.82 17.21 21.52
N ASN A 142 12.97 15.96 21.09
CA ASN A 142 11.84 15.10 20.84
C ASN A 142 11.12 14.92 22.18
N VAL A 143 9.77 15.06 22.18
CA VAL A 143 8.92 14.90 23.35
C VAL A 143 7.86 13.83 23.12
N ILE A 144 7.95 13.08 22.02
CA ILE A 144 6.91 12.14 21.66
C ILE A 144 6.87 10.99 22.65
N GLY A 145 5.71 10.77 23.27
CA GLY A 145 5.53 9.62 24.14
C GLY A 145 5.75 9.98 25.62
N LEU A 146 6.26 11.18 25.91
CA LEU A 146 6.32 11.68 27.28
C LEU A 146 4.91 12.01 27.76
N LYS A 147 4.71 12.07 29.08
CA LYS A 147 3.37 12.37 29.59
C LYS A 147 3.13 13.87 29.38
N ASP A 148 1.87 14.29 29.50
CA ASP A 148 1.53 15.69 29.28
C ASP A 148 2.22 16.58 30.30
N SER A 149 2.28 16.10 31.57
CA SER A 149 2.89 16.84 32.65
C SER A 149 4.36 17.16 32.33
N GLN A 150 5.05 16.17 31.77
CA GLN A 150 6.46 16.30 31.42
C GLN A 150 6.68 17.26 30.25
N ILE A 151 5.71 17.31 29.32
CA ILE A 151 5.79 18.29 28.24
C ILE A 151 5.57 19.67 28.86
N ALA A 152 4.59 19.77 29.78
CA ALA A 152 4.36 21.01 30.52
C ALA A 152 5.63 21.47 31.24
N ASP A 153 6.37 20.53 31.85
CA ASP A 153 7.61 20.85 32.56
C ASP A 153 8.71 21.34 31.60
N ILE A 154 8.80 20.79 30.38
CA ILE A 154 9.81 21.27 29.44
C ILE A 154 9.47 22.69 28.99
N LEU A 155 8.17 22.98 28.93
CA LEU A 155 7.67 24.30 28.58
C LEU A 155 7.96 25.31 29.70
N SER A 156 7.71 24.94 30.96
CA SER A 156 8.15 25.75 32.10
C SER A 156 9.66 25.99 32.09
N THR A 157 10.45 24.92 31.99
CA THR A 157 11.89 25.03 32.14
C THR A 157 12.48 25.87 31.01
N SER A 158 11.85 25.87 29.82
CA SER A 158 12.40 26.58 28.67
C SER A 158 12.51 28.07 28.96
N GLY A 159 13.48 28.74 28.29
CA GLY A 159 13.55 30.19 28.31
C GLY A 159 12.24 30.82 27.88
N THR A 160 12.21 32.15 27.71
CA THR A 160 10.97 32.84 27.40
C THR A 160 10.60 32.56 25.93
N VAL A 161 11.60 32.26 25.10
CA VAL A 161 11.39 31.87 23.71
C VAL A 161 11.19 30.36 23.66
N VAL A 162 10.18 29.93 22.89
CA VAL A 162 9.78 28.54 22.79
C VAL A 162 9.55 28.18 21.33
N THR A 163 10.22 27.11 20.93
CA THR A 163 10.11 26.56 19.60
C THR A 163 9.39 25.22 19.67
N ILE A 164 8.34 25.08 18.85
CA ILE A 164 7.57 23.85 18.87
C ILE A 164 7.50 23.29 17.44
N THR A 165 7.73 21.99 17.33
CA THR A 165 7.61 21.27 16.07
C THR A 165 6.40 20.34 16.15
N ILE A 166 5.52 20.52 15.15
CA ILE A 166 4.19 19.95 15.13
C ILE A 166 3.95 19.24 13.80
N MET A 167 2.97 18.32 13.82
CA MET A 167 2.63 17.48 12.69
C MET A 167 1.11 17.27 12.71
N PRO A 168 0.43 17.37 11.54
CA PRO A 168 -0.98 17.08 11.47
C PRO A 168 -1.24 15.71 12.05
N ALA A 169 -2.27 15.64 12.90
CA ALA A 169 -2.51 14.47 13.72
C ALA A 169 -2.78 13.25 12.85
N PHE A 170 -3.51 13.42 11.75
N PHE A 170 -3.50 13.44 11.74
CA PHE A 170 -3.85 12.27 10.92
CA PHE A 170 -3.85 12.28 10.93
C PHE A 170 -2.55 11.66 10.42
C PHE A 170 -2.57 11.67 10.37
N ILE A 171 -1.51 12.48 10.21
CA ILE A 171 -0.26 11.98 9.68
C ILE A 171 0.50 11.33 10.83
N PHE A 172 0.55 12.02 11.97
CA PHE A 172 1.17 11.50 13.19
C PHE A 172 0.61 10.13 13.58
N GLU A 173 -0.71 10.04 13.63
CA GLU A 173 -1.40 8.81 13.99
C GLU A 173 -1.08 7.70 12.99
N HIS A 174 -0.90 8.03 11.71
CA HIS A 174 -0.52 7.03 10.72
C HIS A 174 0.92 6.52 10.92
N ILE A 175 1.87 7.42 11.28
CA ILE A 175 3.27 7.02 11.43
C ILE A 175 3.44 6.07 12.63
N ILE A 176 2.84 6.40 13.76
CA ILE A 176 3.06 5.67 15.00
C ILE A 176 2.20 4.42 15.12
N LYS A 177 1.36 4.13 14.12
CA LYS A 177 0.44 2.99 14.14
C LYS A 177 1.25 1.70 14.19
N ARG A 178 0.84 0.76 15.05
CA ARG A 178 1.50 -0.54 15.25
C ARG A 178 2.80 -0.39 16.06
N MET A 179 3.09 0.80 16.61
CA MET A 179 4.20 0.91 17.54
C MET A 179 3.63 1.07 18.95
N ALA A 180 3.96 0.10 19.83
CA ALA A 180 3.34 0.00 21.14
C ALA A 180 3.71 1.21 21.99
N PRO A 181 2.73 1.96 22.57
CA PRO A 181 3.02 3.23 23.28
C PRO A 181 4.20 3.22 24.26
N SER A 182 4.39 2.11 25.00
CA SER A 182 5.45 2.00 26.01
C SER A 182 6.83 2.11 25.36
N ILE A 183 6.95 1.64 24.11
CA ILE A 183 8.21 1.73 23.37
C ILE A 183 8.53 3.20 23.13
N MET A 184 7.49 3.98 22.77
CA MET A 184 7.63 5.42 22.50
C MET A 184 8.12 6.12 23.76
N LYS A 185 7.49 5.83 24.90
CA LYS A 185 7.92 6.37 26.19
C LYS A 185 9.35 5.96 26.53
N SER A 186 9.70 4.69 26.29
CA SER A 186 10.93 4.10 26.82
C SER A 186 12.10 4.32 25.87
N LEU A 187 11.87 4.13 24.57
CA LEU A 187 12.98 3.93 23.66
C LEU A 187 13.25 5.16 22.81
N MET A 188 12.19 5.83 22.32
CA MET A 188 12.35 7.06 21.54
C MET A 188 13.30 8.03 22.28
N ASP A 189 14.38 8.38 21.57
CA ASP A 189 15.41 9.28 22.05
C ASP A 189 14.76 10.60 22.49
N HIS A 190 14.91 10.98 23.75
CA HIS A 190 14.36 12.26 24.18
C HIS A 190 15.47 13.18 24.67
N THR A 191 16.68 13.03 24.16
CA THR A 191 17.80 13.79 24.68
C THR A 191 18.02 15.01 23.79
N ILE A 192 18.63 16.04 24.39
CA ILE A 192 19.32 17.09 23.65
C ILE A 192 20.43 16.41 22.87
N PRO A 193 20.69 16.76 21.59
CA PRO A 193 21.85 16.21 20.85
C PRO A 193 23.22 16.61 21.39
N GLU A 194 24.24 15.81 21.10
CA GLU A 194 25.56 16.04 21.65
C GLU A 194 26.46 16.73 20.61
N VAL A 195 27.56 17.31 21.10
CA VAL A 195 28.48 18.04 20.24
C VAL A 195 29.91 17.60 20.59
N ALA B 3 15.33 -33.23 11.96
CA ALA B 3 14.25 -33.26 12.98
C ALA B 3 14.83 -33.42 14.39
N GLU B 4 16.13 -33.72 14.50
CA GLU B 4 16.76 -34.18 15.75
C GLU B 4 16.78 -33.05 16.79
N ILE B 5 16.55 -33.42 18.07
CA ILE B 5 16.57 -32.47 19.18
C ILE B 5 18.01 -32.04 19.42
N LYS B 6 18.27 -30.71 19.39
CA LYS B 6 19.63 -30.23 19.58
C LYS B 6 19.95 -30.10 21.06
N GLN B 7 21.05 -30.77 21.44
CA GLN B 7 21.62 -30.69 22.78
C GLN B 7 22.06 -29.23 23.03
N GLY B 8 21.91 -28.75 24.27
CA GLY B 8 22.34 -27.41 24.65
C GLY B 8 21.52 -26.30 24.01
N ILE B 9 22.21 -25.17 23.78
CA ILE B 9 21.60 -23.85 23.80
C ILE B 9 22.09 -23.06 22.60
N ARG B 10 21.15 -22.50 21.82
CA ARG B 10 21.46 -21.60 20.73
C ARG B 10 20.82 -20.23 20.95
N GLU B 11 21.37 -19.24 20.26
CA GLU B 11 20.85 -17.87 20.23
C GLU B 11 20.13 -17.68 18.89
N VAL B 12 18.87 -17.25 18.92
CA VAL B 12 18.17 -16.87 17.70
C VAL B 12 17.98 -15.37 17.78
N ILE B 13 17.82 -14.77 16.60
CA ILE B 13 17.76 -13.32 16.43
C ILE B 13 16.53 -13.03 15.60
N LEU B 14 15.63 -12.28 16.21
CA LEU B 14 14.39 -11.90 15.57
C LEU B 14 14.33 -10.40 15.52
N CYS B 15 13.23 -9.97 14.93
CA CYS B 15 12.76 -8.62 14.97
C CYS B 15 11.24 -8.70 15.13
N LYS B 16 10.59 -7.56 14.98
CA LYS B 16 9.14 -7.54 14.92
C LYS B 16 8.82 -7.17 13.50
N ASP B 17 7.71 -7.68 13.00
CA ASP B 17 7.27 -7.37 11.65
C ASP B 17 6.69 -5.97 11.72
N GLN B 18 6.21 -5.47 10.58
CA GLN B 18 5.72 -4.12 10.47
C GLN B 18 4.41 -3.90 11.22
N ASP B 19 3.75 -4.97 11.71
CA ASP B 19 2.58 -4.83 12.57
C ASP B 19 2.96 -4.93 14.06
N GLY B 20 4.24 -5.13 14.37
CA GLY B 20 4.75 -5.18 15.74
C GLY B 20 4.70 -6.59 16.36
N LYS B 21 4.60 -7.63 15.51
CA LYS B 21 4.38 -9.00 15.97
C LYS B 21 5.61 -9.88 15.72
N ILE B 22 5.80 -10.86 16.60
CA ILE B 22 6.91 -11.80 16.54
C ILE B 22 6.38 -13.12 15.99
N GLY B 23 5.13 -13.42 16.36
CA GLY B 23 4.43 -14.62 15.96
C GLY B 23 4.53 -15.76 16.96
N LEU B 24 4.65 -15.44 18.27
CA LEU B 24 4.85 -16.44 19.30
C LEU B 24 3.76 -16.34 20.35
N ARG B 25 3.41 -17.49 20.93
CA ARG B 25 2.78 -17.46 22.23
C ARG B 25 3.67 -18.25 23.19
N LEU B 26 3.88 -17.70 24.39
CA LEU B 26 4.79 -18.21 25.39
C LEU B 26 3.97 -18.63 26.59
N LYS B 27 4.41 -19.72 27.25
CA LYS B 27 3.70 -20.33 28.37
C LYS B 27 4.69 -20.77 29.44
N SER B 28 4.31 -20.49 30.69
CA SER B 28 5.09 -20.80 31.89
C SER B 28 4.89 -22.26 32.28
N ILE B 29 6.01 -23.01 32.36
CA ILE B 29 5.97 -24.43 32.73
C ILE B 29 7.12 -24.73 33.69
N ASP B 30 6.78 -25.32 34.84
CA ASP B 30 7.78 -25.71 35.81
C ASP B 30 8.82 -24.59 35.93
N ASN B 31 8.36 -23.33 35.97
CA ASN B 31 9.19 -22.15 36.18
C ASN B 31 10.16 -21.87 35.04
N GLY B 32 9.97 -22.46 33.85
CA GLY B 32 10.59 -21.94 32.66
C GLY B 32 9.52 -21.30 31.78
N ILE B 33 9.96 -20.81 30.59
CA ILE B 33 9.04 -20.31 29.58
C ILE B 33 9.20 -21.15 28.30
N PHE B 34 8.08 -21.53 27.70
CA PHE B 34 8.12 -22.42 26.55
C PHE B 34 7.17 -21.92 25.46
N VAL B 35 7.47 -22.29 24.22
CA VAL B 35 6.71 -21.81 23.10
C VAL B 35 5.47 -22.69 22.99
N GLN B 36 4.27 -22.07 23.01
CA GLN B 36 3.04 -22.84 22.82
C GLN B 36 2.42 -22.59 21.44
N LEU B 37 2.90 -21.58 20.71
CA LEU B 37 2.44 -21.29 19.36
C LEU B 37 3.52 -20.53 18.57
N VAL B 38 3.72 -20.93 17.33
CA VAL B 38 4.50 -20.17 16.36
C VAL B 38 3.57 -19.98 15.16
N GLN B 39 3.48 -18.78 14.59
CA GLN B 39 2.61 -18.56 13.43
C GLN B 39 3.38 -18.65 12.11
N ALA B 40 2.78 -19.27 11.08
CA ALA B 40 3.45 -19.31 9.76
C ALA B 40 3.70 -17.88 9.28
N ASN B 41 4.79 -17.70 8.51
CA ASN B 41 5.11 -16.44 7.85
C ASN B 41 5.16 -15.36 8.92
N SER B 42 5.99 -15.64 9.92
CA SER B 42 6.22 -14.72 11.01
C SER B 42 7.72 -14.70 11.23
N PRO B 43 8.26 -13.63 11.84
CA PRO B 43 9.66 -13.61 12.23
C PRO B 43 9.98 -14.90 12.99
N ALA B 44 9.07 -15.36 13.84
CA ALA B 44 9.42 -16.50 14.69
C ALA B 44 9.61 -17.78 13.85
N SER B 45 8.72 -18.02 12.88
CA SER B 45 8.84 -19.22 12.07
C SER B 45 10.08 -19.14 11.17
N LEU B 46 10.28 -17.98 10.51
CA LEU B 46 11.42 -17.79 9.62
C LEU B 46 12.75 -18.05 10.33
N VAL B 47 12.90 -17.65 11.61
CA VAL B 47 14.18 -17.87 12.27
C VAL B 47 14.23 -19.27 12.84
N GLY B 48 13.08 -19.95 12.86
CA GLY B 48 13.10 -21.38 13.11
C GLY B 48 12.79 -21.73 14.56
N LEU B 49 11.99 -20.88 15.23
CA LEU B 49 11.49 -21.22 16.57
C LEU B 49 10.41 -22.29 16.42
N ARG B 50 10.29 -23.17 17.42
CA ARG B 50 9.35 -24.26 17.34
C ARG B 50 8.53 -24.43 18.61
N PHE B 51 7.34 -24.98 18.43
CA PHE B 51 6.53 -25.40 19.54
C PHE B 51 7.38 -26.32 20.41
N GLY B 52 7.35 -26.07 21.71
CA GLY B 52 8.05 -26.90 22.65
C GLY B 52 9.39 -26.29 23.07
N ASP B 53 9.92 -25.36 22.28
CA ASP B 53 11.24 -24.80 22.55
C ASP B 53 11.16 -24.04 23.88
N GLN B 54 12.25 -24.06 24.65
CA GLN B 54 12.34 -23.34 25.91
C GLN B 54 13.03 -22.03 25.61
N VAL B 55 12.49 -20.92 26.11
CA VAL B 55 13.14 -19.63 26.02
C VAL B 55 13.80 -19.36 27.37
N LEU B 56 15.12 -19.29 27.35
CA LEU B 56 15.94 -19.18 28.55
C LEU B 56 16.13 -17.72 28.89
N GLN B 57 16.42 -16.94 27.85
CA GLN B 57 16.51 -15.50 28.00
C GLN B 57 15.92 -14.77 26.79
N ILE B 58 15.38 -13.57 27.07
CA ILE B 58 14.98 -12.56 26.09
C ILE B 58 15.82 -11.29 26.26
N ASN B 59 16.56 -10.92 25.22
CA ASN B 59 17.38 -9.73 25.28
C ASN B 59 18.31 -9.82 26.52
N GLY B 60 18.75 -11.03 26.89
CA GLY B 60 19.69 -11.23 27.98
C GLY B 60 19.07 -11.17 29.37
N GLU B 61 17.75 -11.08 29.48
CA GLU B 61 17.10 -11.25 30.77
C GLU B 61 16.67 -12.71 30.90
N ASN B 62 16.79 -13.26 32.11
CA ASN B 62 16.51 -14.67 32.36
C ASN B 62 15.00 -14.84 32.49
N CYS B 63 14.43 -15.86 31.86
CA CYS B 63 12.99 -16.06 31.88
C CYS B 63 12.54 -16.92 33.06
N ALA B 64 13.50 -17.40 33.86
CA ALA B 64 13.19 -18.21 35.04
C ALA B 64 12.17 -17.51 35.91
N GLY B 65 11.09 -18.23 36.27
CA GLY B 65 10.05 -17.69 37.14
C GLY B 65 9.03 -16.79 36.43
N TRP B 66 9.31 -16.30 35.23
CA TRP B 66 8.34 -15.39 34.65
C TRP B 66 7.01 -16.11 34.48
N SER B 67 5.90 -15.41 34.81
CA SER B 67 4.61 -15.85 34.33
C SER B 67 4.55 -15.61 32.82
N SER B 68 3.54 -16.22 32.20
CA SER B 68 3.20 -16.03 30.80
C SER B 68 2.92 -14.57 30.50
N ASP B 69 2.12 -13.91 31.38
CA ASP B 69 1.69 -12.54 31.16
C ASP B 69 2.93 -11.66 31.18
N LYS B 70 3.88 -11.94 32.09
CA LYS B 70 5.11 -11.18 32.10
C LYS B 70 5.91 -11.39 30.81
N ALA B 71 5.92 -12.62 30.29
CA ALA B 71 6.72 -12.90 29.11
C ALA B 71 6.16 -12.16 27.88
N HIS B 72 4.83 -12.19 27.74
CA HIS B 72 4.11 -11.52 26.66
C HIS B 72 4.23 -10.00 26.76
N LYS B 73 4.15 -9.49 28.00
CA LYS B 73 4.39 -8.10 28.28
C LYS B 73 5.81 -7.74 27.82
N VAL B 74 6.79 -8.61 28.07
CA VAL B 74 8.16 -8.29 27.70
C VAL B 74 8.31 -8.17 26.18
N LEU B 75 7.68 -9.08 25.42
CA LEU B 75 7.70 -9.03 23.96
C LEU B 75 6.95 -7.80 23.44
N LYS B 76 5.84 -7.44 24.09
CA LYS B 76 5.09 -6.27 23.67
C LYS B 76 5.99 -5.03 23.76
N GLN B 77 6.85 -4.94 24.78
CA GLN B 77 7.64 -3.74 25.01
C GLN B 77 9.01 -3.82 24.36
N ALA B 78 9.34 -4.93 23.69
CA ALA B 78 10.62 -5.01 23.02
C ALA B 78 10.69 -4.15 21.74
N PHE B 79 11.75 -3.36 21.62
CA PHE B 79 12.07 -2.73 20.35
C PHE B 79 12.16 -3.75 19.22
N GLY B 80 11.50 -3.47 18.09
CA GLY B 80 11.34 -4.42 17.01
C GLY B 80 12.60 -4.69 16.17
N GLU B 81 13.67 -3.89 16.33
CA GLU B 81 14.82 -4.05 15.46
C GLU B 81 15.58 -5.34 15.74
N LYS B 82 16.02 -5.55 16.98
CA LYS B 82 16.67 -6.81 17.29
C LYS B 82 16.17 -7.33 18.64
N ILE B 83 15.68 -8.56 18.59
CA ILE B 83 15.32 -9.28 19.78
C ILE B 83 16.16 -10.56 19.79
N THR B 84 17.00 -10.70 20.81
CA THR B 84 17.77 -11.92 20.98
C THR B 84 17.04 -12.84 21.96
N MET B 85 17.07 -14.13 21.63
CA MET B 85 16.49 -15.14 22.48
C MET B 85 17.50 -16.29 22.60
N THR B 86 17.65 -16.81 23.81
CA THR B 86 18.47 -17.98 24.04
C THR B 86 17.53 -19.18 24.18
N ILE B 87 17.68 -20.18 23.29
CA ILE B 87 16.74 -21.29 23.18
C ILE B 87 17.39 -22.58 23.60
N ARG B 88 16.61 -23.44 24.27
CA ARG B 88 16.90 -24.86 24.34
C ARG B 88 15.90 -25.56 23.41
N ASP B 89 16.39 -26.44 22.55
CA ASP B 89 15.58 -27.04 21.50
C ASP B 89 14.61 -28.07 22.10
N ARG B 90 13.30 -27.87 21.88
CA ARG B 90 12.23 -28.79 22.26
C ARG B 90 12.56 -29.77 23.40
N PRO B 91 12.89 -29.30 24.62
CA PRO B 91 13.38 -30.17 25.68
C PRO B 91 12.45 -31.22 26.24
N PHE B 92 11.13 -31.03 26.11
CA PHE B 92 10.17 -32.03 26.57
C PHE B 92 9.88 -33.09 25.50
N GLU B 93 10.58 -33.02 24.35
CA GLU B 93 10.30 -33.85 23.19
C GLU B 93 11.44 -34.80 22.88
N ARG B 94 11.12 -35.77 21.99
CA ARG B 94 12.07 -36.67 21.37
C ARG B 94 11.62 -37.07 19.97
N THR B 95 12.58 -37.49 19.14
CA THR B 95 12.23 -37.98 17.82
C THR B 95 12.53 -39.47 17.73
N ILE B 96 11.70 -40.15 16.93
CA ILE B 96 11.78 -41.58 16.69
C ILE B 96 11.70 -41.75 15.17
N THR B 97 12.60 -42.58 14.65
CA THR B 97 12.64 -42.86 13.23
C THR B 97 12.17 -44.30 13.01
N MET B 98 11.41 -44.49 11.94
CA MET B 98 10.69 -45.73 11.70
C MET B 98 10.58 -45.91 10.20
N HIS B 99 10.33 -47.17 9.75
CA HIS B 99 10.29 -47.50 8.33
C HIS B 99 8.95 -48.15 7.98
N LYS B 100 8.16 -47.47 7.12
CA LYS B 100 6.93 -48.00 6.59
C LYS B 100 7.18 -49.40 6.02
N ASP B 101 6.27 -50.35 6.26
CA ASP B 101 6.45 -51.73 5.82
C ASP B 101 5.83 -51.87 4.43
N SER B 102 5.64 -53.12 3.95
CA SER B 102 5.09 -53.39 2.62
C SER B 102 3.77 -52.65 2.43
N THR B 103 2.93 -52.67 3.48
CA THR B 103 1.58 -52.14 3.46
C THR B 103 1.59 -50.64 3.72
N GLY B 104 2.73 -50.14 4.21
CA GLY B 104 2.96 -48.71 4.28
C GLY B 104 2.62 -48.12 5.65
N HIS B 105 2.77 -48.96 6.67
CA HIS B 105 2.42 -48.64 8.04
C HIS B 105 3.70 -48.73 8.86
N VAL B 106 3.78 -47.96 9.96
CA VAL B 106 4.94 -47.98 10.84
C VAL B 106 4.59 -48.67 12.15
N GLY B 107 3.30 -48.60 12.50
CA GLY B 107 2.69 -49.57 13.40
C GLY B 107 2.17 -48.96 14.69
N PHE B 108 1.25 -47.98 14.58
CA PHE B 108 0.56 -47.57 15.79
C PHE B 108 -0.84 -47.05 15.46
N ILE B 109 -1.60 -46.93 16.54
CA ILE B 109 -2.92 -46.33 16.53
C ILE B 109 -2.81 -45.02 17.30
N PHE B 110 -3.48 -43.96 16.82
CA PHE B 110 -3.51 -42.73 17.59
C PHE B 110 -4.90 -42.12 17.54
N LYS B 111 -5.16 -41.11 18.38
CA LYS B 111 -6.47 -40.47 18.41
C LYS B 111 -6.33 -39.12 19.08
N ASN B 112 -6.97 -38.08 18.52
CA ASN B 112 -6.77 -36.68 18.85
C ASN B 112 -5.27 -36.39 18.97
N GLY B 113 -4.50 -36.90 18.00
CA GLY B 113 -3.05 -36.69 18.01
C GLY B 113 -2.28 -37.51 19.05
N LYS B 114 -2.96 -38.36 19.86
CA LYS B 114 -2.25 -39.07 20.92
C LYS B 114 -2.08 -40.54 20.59
N ILE B 115 -0.85 -41.05 20.71
CA ILE B 115 -0.55 -42.45 20.37
C ILE B 115 -1.16 -43.33 21.43
N THR B 116 -1.95 -44.35 21.03
CA THR B 116 -2.72 -45.13 22.00
C THR B 116 -2.38 -46.61 21.98
N SER B 117 -1.84 -47.11 20.87
CA SER B 117 -1.52 -48.51 20.79
C SER B 117 -0.28 -48.68 19.92
N ILE B 118 0.57 -49.64 20.24
CA ILE B 118 1.73 -49.94 19.43
C ILE B 118 1.45 -51.26 18.74
N VAL B 119 1.58 -51.33 17.41
CA VAL B 119 1.33 -52.58 16.70
C VAL B 119 2.54 -53.51 16.81
N LYS B 120 2.24 -54.79 17.11
CA LYS B 120 3.18 -55.87 17.37
C LYS B 120 4.06 -56.16 16.15
N ASP B 121 5.33 -56.50 16.40
CA ASP B 121 6.31 -56.72 15.34
C ASP B 121 6.29 -55.62 14.27
N SER B 122 6.21 -54.33 14.66
CA SER B 122 6.26 -53.21 13.73
C SER B 122 7.56 -52.40 13.90
N SER B 123 7.82 -51.45 12.99
CA SER B 123 8.93 -50.54 13.20
C SER B 123 8.74 -49.84 14.55
N ALA B 124 7.54 -49.26 14.71
CA ALA B 124 7.08 -48.62 15.93
C ALA B 124 7.54 -49.43 17.13
N ALA B 125 7.21 -50.72 17.13
CA ALA B 125 7.57 -51.60 18.22
C ALA B 125 9.08 -51.78 18.34
N ARG B 126 9.78 -51.75 17.21
CA ARG B 126 11.21 -51.98 17.26
C ARG B 126 11.91 -50.76 17.89
N ASN B 127 11.47 -49.56 17.52
CA ASN B 127 12.11 -48.32 17.93
C ASN B 127 11.65 -47.83 19.31
N GLY B 128 10.73 -48.56 19.95
CA GLY B 128 10.30 -48.27 21.30
C GLY B 128 9.38 -47.04 21.40
N LEU B 129 8.57 -46.81 20.36
CA LEU B 129 7.52 -45.80 20.38
C LEU B 129 6.64 -46.07 21.58
N LEU B 130 6.21 -45.00 22.25
CA LEU B 130 5.51 -45.02 23.52
C LEU B 130 4.07 -44.55 23.30
N THR B 131 3.15 -45.08 24.11
CA THR B 131 1.78 -44.62 24.12
C THR B 131 1.68 -43.43 25.05
N GLU B 132 0.50 -42.79 25.07
CA GLU B 132 0.24 -41.69 25.97
C GLU B 132 1.24 -40.56 25.68
N HIS B 133 1.53 -40.41 24.38
CA HIS B 133 2.43 -39.39 23.88
C HIS B 133 1.74 -38.69 22.71
N ASN B 134 1.74 -37.36 22.73
CA ASN B 134 1.18 -36.59 21.64
C ASN B 134 2.21 -36.48 20.53
N ILE B 135 1.72 -36.58 19.29
CA ILE B 135 2.52 -36.38 18.10
C ILE B 135 2.68 -34.89 17.90
N CYS B 136 3.91 -34.37 17.86
CA CYS B 136 4.12 -32.93 17.71
C CYS B 136 4.58 -32.60 16.29
N GLU B 137 5.48 -33.44 15.77
CA GLU B 137 5.94 -33.23 14.41
C GLU B 137 6.08 -34.59 13.72
N ILE B 138 5.92 -34.53 12.39
CA ILE B 138 6.25 -35.64 11.51
C ILE B 138 7.27 -35.16 10.50
N ASN B 139 8.47 -35.74 10.52
CA ASN B 139 9.56 -35.25 9.67
C ASN B 139 9.80 -33.75 9.92
N GLY B 140 9.81 -33.32 11.19
CA GLY B 140 10.05 -31.92 11.51
C GLY B 140 8.94 -31.00 11.05
N GLN B 141 7.85 -31.55 10.50
CA GLN B 141 6.70 -30.72 10.19
C GLN B 141 5.73 -30.75 11.38
N ASN B 142 5.43 -29.58 11.94
CA ASN B 142 4.49 -29.47 13.05
C ASN B 142 3.08 -29.86 12.56
N VAL B 143 2.39 -30.73 13.32
CA VAL B 143 1.04 -31.16 12.98
C VAL B 143 0.06 -30.88 14.11
N ILE B 144 0.45 -30.00 15.05
CA ILE B 144 -0.36 -29.74 16.22
C ILE B 144 -1.59 -28.95 15.82
N GLY B 145 -2.77 -29.46 16.18
CA GLY B 145 -4.03 -28.82 15.83
C GLY B 145 -4.68 -29.31 14.52
N LEU B 146 -3.95 -30.14 13.72
CA LEU B 146 -4.51 -30.88 12.60
C LEU B 146 -5.39 -32.03 13.07
N LYS B 147 -6.19 -32.56 12.13
CA LYS B 147 -7.13 -33.64 12.42
C LYS B 147 -6.46 -34.99 12.22
N ASP B 148 -6.94 -35.99 12.96
CA ASP B 148 -6.41 -37.34 12.84
C ASP B 148 -6.31 -37.73 11.37
N SER B 149 -7.20 -37.26 10.50
CA SER B 149 -7.06 -37.64 9.09
C SER B 149 -5.90 -36.88 8.44
N GLN B 150 -5.80 -35.58 8.71
CA GLN B 150 -4.69 -34.76 8.21
C GLN B 150 -3.34 -35.39 8.60
N ILE B 151 -3.19 -35.75 9.88
CA ILE B 151 -1.97 -36.39 10.36
C ILE B 151 -1.75 -37.76 9.70
N ALA B 152 -2.82 -38.50 9.38
CA ALA B 152 -2.63 -39.76 8.67
C ALA B 152 -2.21 -39.51 7.23
N ASP B 153 -2.83 -38.54 6.56
CA ASP B 153 -2.42 -38.21 5.19
C ASP B 153 -0.93 -37.90 5.16
N ILE B 154 -0.47 -37.00 6.05
CA ILE B 154 0.93 -36.57 6.07
C ILE B 154 1.87 -37.76 6.32
N LEU B 155 1.47 -38.69 7.18
CA LEU B 155 2.21 -39.93 7.39
C LEU B 155 2.30 -40.70 6.08
N SER B 156 1.21 -40.68 5.30
CA SER B 156 1.15 -41.44 4.06
C SER B 156 1.94 -40.75 2.96
N THR B 157 1.77 -39.45 2.77
CA THR B 157 2.41 -38.75 1.67
C THR B 157 3.92 -38.70 1.88
N SER B 158 4.34 -39.07 3.10
CA SER B 158 5.73 -39.16 3.49
C SER B 158 6.41 -40.33 2.78
N GLY B 159 7.71 -40.54 3.03
CA GLY B 159 8.47 -41.64 2.44
C GLY B 159 8.61 -42.83 3.38
N THR B 160 9.40 -43.81 2.98
CA THR B 160 9.61 -45.02 3.77
C THR B 160 10.09 -44.68 5.18
N VAL B 161 11.02 -43.73 5.24
CA VAL B 161 11.62 -43.37 6.50
C VAL B 161 10.85 -42.17 7.03
N VAL B 162 10.35 -42.34 8.25
CA VAL B 162 9.42 -41.42 8.91
C VAL B 162 9.96 -41.13 10.31
N THR B 163 10.15 -39.84 10.63
CA THR B 163 10.54 -39.46 11.98
C THR B 163 9.37 -38.75 12.63
N ILE B 164 9.13 -39.11 13.88
CA ILE B 164 8.01 -38.58 14.65
C ILE B 164 8.62 -37.93 15.89
N THR B 165 8.21 -36.70 16.19
CA THR B 165 8.62 -36.03 17.41
C THR B 165 7.46 -36.13 18.40
N ILE B 166 7.67 -36.75 19.56
CA ILE B 166 6.59 -36.98 20.49
C ILE B 166 6.85 -36.21 21.78
N MET B 167 5.78 -36.01 22.56
CA MET B 167 5.85 -35.33 23.86
C MET B 167 4.93 -36.03 24.84
N PRO B 168 5.33 -36.36 26.10
CA PRO B 168 4.36 -36.96 27.00
C PRO B 168 3.08 -36.11 27.13
N ALA B 169 1.95 -36.83 27.15
CA ALA B 169 0.63 -36.25 27.03
C ALA B 169 0.37 -35.25 28.14
N PHE B 170 0.78 -35.60 29.36
N PHE B 170 0.73 -35.61 29.38
CA PHE B 170 0.51 -34.75 30.50
CA PHE B 170 0.48 -34.71 30.51
C PHE B 170 1.20 -33.41 30.34
C PHE B 170 1.16 -33.37 30.27
N ILE B 171 2.37 -33.38 29.68
CA ILE B 171 3.11 -32.15 29.43
C ILE B 171 2.49 -31.40 28.28
N PHE B 172 2.15 -32.11 27.19
CA PHE B 172 1.46 -31.47 26.09
C PHE B 172 0.16 -30.76 26.53
N GLU B 173 -0.64 -31.45 27.34
CA GLU B 173 -1.90 -30.90 27.82
C GLU B 173 -1.64 -29.65 28.66
N HIS B 174 -0.59 -29.63 29.49
CA HIS B 174 -0.19 -28.43 30.21
C HIS B 174 0.23 -27.25 29.30
N ILE B 175 1.04 -27.52 28.26
CA ILE B 175 1.59 -26.47 27.41
C ILE B 175 0.47 -25.74 26.61
N ILE B 176 -0.58 -26.43 26.22
CA ILE B 176 -1.61 -25.82 25.39
C ILE B 176 -2.69 -25.11 26.19
N LYS B 177 -2.64 -25.20 27.54
CA LYS B 177 -3.53 -24.46 28.43
C LYS B 177 -3.33 -22.96 28.22
N ARG B 178 -4.40 -22.19 28.51
CA ARG B 178 -4.39 -20.73 28.40
C ARG B 178 -4.18 -20.32 26.95
N MET B 179 -4.91 -20.98 26.04
CA MET B 179 -4.88 -20.73 24.61
C MET B 179 -6.07 -21.47 24.00
N ALA B 180 -6.99 -20.71 23.36
CA ALA B 180 -8.25 -21.24 22.84
C ALA B 180 -7.98 -22.19 21.68
N PRO B 181 -8.53 -23.42 21.65
CA PRO B 181 -8.12 -24.39 20.65
C PRO B 181 -8.45 -23.99 19.22
N SER B 182 -9.17 -22.86 19.06
CA SER B 182 -9.52 -22.35 17.74
C SER B 182 -8.33 -21.59 17.16
N ILE B 183 -7.63 -20.84 18.03
CA ILE B 183 -6.37 -20.17 17.74
C ILE B 183 -5.33 -21.22 17.29
N MET B 184 -5.16 -22.26 18.12
CA MET B 184 -4.12 -23.26 17.96
C MET B 184 -4.38 -24.03 16.68
N LYS B 185 -5.66 -24.17 16.35
CA LYS B 185 -6.10 -24.89 15.16
C LYS B 185 -5.87 -24.02 13.93
N SER B 186 -6.07 -22.70 14.02
CA SER B 186 -6.01 -21.86 12.82
C SER B 186 -4.65 -21.18 12.65
N LEU B 187 -3.87 -20.98 13.73
CA LEU B 187 -2.65 -20.18 13.60
C LEU B 187 -1.39 -21.02 13.64
N MET B 188 -1.44 -22.29 14.07
CA MET B 188 -0.20 -23.02 14.27
C MET B 188 0.52 -23.15 12.93
N ASP B 189 1.85 -22.99 12.97
CA ASP B 189 2.73 -23.11 11.82
C ASP B 189 2.77 -24.59 11.44
N HIS B 190 2.57 -24.89 10.14
CA HIS B 190 2.69 -26.25 9.65
C HIS B 190 3.63 -26.30 8.44
N THR B 191 4.49 -25.28 8.32
CA THR B 191 5.46 -25.18 7.24
C THR B 191 6.29 -26.45 7.11
N ILE B 192 6.68 -26.76 5.88
CA ILE B 192 7.61 -27.87 5.69
C ILE B 192 9.02 -27.33 5.82
N PRO B 193 9.89 -28.00 6.61
CA PRO B 193 11.27 -27.55 6.80
C PRO B 193 11.97 -27.40 5.45
N GLU B 194 12.53 -26.19 5.29
CA GLU B 194 13.26 -25.74 4.13
C GLU B 194 14.74 -25.91 4.39
N VAL B 195 15.53 -25.73 3.32
CA VAL B 195 16.97 -25.60 3.50
C VAL B 195 17.48 -24.38 2.73
N ALA C 3 7.71 29.70 -6.55
CA ALA C 3 7.44 28.29 -6.20
C ALA C 3 7.96 27.95 -4.80
N GLU C 4 9.20 28.40 -4.49
CA GLU C 4 9.95 27.91 -3.33
C GLU C 4 9.47 28.64 -2.07
N ILE C 5 9.28 27.86 -0.98
CA ILE C 5 8.43 28.25 0.13
C ILE C 5 9.24 28.99 1.20
N LYS C 6 8.70 30.15 1.66
CA LYS C 6 9.30 31.00 2.69
C LYS C 6 8.87 30.58 4.09
N GLN C 7 9.81 30.68 5.04
CA GLN C 7 9.62 30.43 6.48
C GLN C 7 9.14 31.70 7.18
N GLY C 8 9.15 32.80 6.44
CA GLY C 8 8.65 34.07 6.94
C GLY C 8 7.15 34.04 7.12
N ILE C 9 6.77 34.81 8.15
CA ILE C 9 5.56 35.61 8.18
C ILE C 9 5.86 36.92 7.43
N ARG C 10 5.08 37.29 6.41
CA ARG C 10 5.17 38.62 5.82
C ARG C 10 3.86 39.40 5.98
N GLU C 11 3.96 40.72 5.86
CA GLU C 11 2.79 41.58 5.88
C GLU C 11 2.42 41.89 4.44
N VAL C 12 1.14 42.08 4.14
CA VAL C 12 0.72 42.56 2.85
C VAL C 12 -0.36 43.62 3.06
N ILE C 13 -0.35 44.60 2.16
CA ILE C 13 -1.22 45.75 2.25
C ILE C 13 -2.12 45.71 1.01
N LEU C 14 -3.43 45.85 1.19
CA LEU C 14 -4.38 45.73 0.09
C LEU C 14 -5.31 46.94 0.06
N CYS C 15 -5.77 47.28 -1.14
CA CYS C 15 -6.94 48.13 -1.29
C CYS C 15 -7.98 47.36 -2.08
N LYS C 16 -9.24 47.48 -1.63
CA LYS C 16 -10.38 46.92 -2.35
C LYS C 16 -10.45 47.54 -3.76
N ASP C 17 -10.93 46.77 -4.74
CA ASP C 17 -11.01 47.29 -6.09
C ASP C 17 -12.22 48.22 -6.21
N GLN C 18 -12.58 48.52 -7.47
CA GLN C 18 -13.71 49.38 -7.81
C GLN C 18 -15.04 48.67 -7.50
N ASP C 19 -15.04 47.33 -7.50
CA ASP C 19 -16.21 46.60 -7.02
C ASP C 19 -16.15 46.27 -5.52
N GLY C 20 -15.20 46.83 -4.74
CA GLY C 20 -15.14 46.57 -3.29
C GLY C 20 -14.79 45.13 -2.90
N LYS C 21 -14.25 44.39 -3.87
CA LYS C 21 -13.68 43.08 -3.67
C LYS C 21 -12.18 43.22 -3.47
N ILE C 22 -11.58 42.24 -2.75
CA ILE C 22 -10.15 41.95 -2.83
C ILE C 22 -9.89 40.66 -3.59
N GLY C 23 -10.93 39.84 -3.81
CA GLY C 23 -10.79 38.65 -4.65
C GLY C 23 -10.26 37.39 -3.95
N LEU C 24 -10.68 37.17 -2.68
CA LEU C 24 -10.30 36.02 -1.88
C LEU C 24 -11.53 35.21 -1.46
N ARG C 25 -11.35 33.89 -1.32
CA ARG C 25 -12.14 33.09 -0.40
C ARG C 25 -11.22 32.44 0.64
N LEU C 26 -11.67 32.47 1.91
CA LEU C 26 -10.92 32.01 3.07
C LEU C 26 -11.64 30.83 3.72
N LYS C 27 -10.91 30.03 4.53
CA LYS C 27 -11.41 28.76 5.04
C LYS C 27 -10.76 28.42 6.39
N SER C 28 -11.60 28.10 7.36
CA SER C 28 -11.16 27.74 8.71
C SER C 28 -10.65 26.32 8.68
N ILE C 29 -9.39 26.11 9.07
CA ILE C 29 -8.74 24.81 9.15
C ILE C 29 -7.96 24.75 10.48
N ASP C 30 -8.24 23.78 11.34
CA ASP C 30 -7.41 23.55 12.53
C ASP C 30 -7.25 24.86 13.34
N ASN C 31 -8.37 25.59 13.45
CA ASN C 31 -8.45 26.88 14.11
C ASN C 31 -7.48 27.90 13.53
N GLY C 32 -7.11 27.68 12.27
CA GLY C 32 -6.49 28.74 11.50
C GLY C 32 -7.40 29.22 10.36
N ILE C 33 -6.97 30.31 9.70
CA ILE C 33 -7.62 30.75 8.49
C ILE C 33 -6.69 30.63 7.29
N PHE C 34 -7.18 29.97 6.25
CA PHE C 34 -6.43 29.64 5.05
C PHE C 34 -7.11 30.16 3.79
N VAL C 35 -6.30 30.56 2.81
CA VAL C 35 -6.78 30.96 1.49
C VAL C 35 -7.21 29.74 0.69
N GLN C 36 -8.51 29.67 0.33
CA GLN C 36 -9.01 28.55 -0.48
C GLN C 36 -9.23 28.97 -1.94
N LEU C 37 -9.36 30.26 -2.19
CA LEU C 37 -9.33 30.71 -3.57
C LEU C 37 -8.82 32.15 -3.65
N VAL C 38 -7.96 32.37 -4.65
CA VAL C 38 -7.53 33.69 -5.08
C VAL C 38 -8.02 33.83 -6.52
N GLN C 39 -8.62 34.98 -6.86
CA GLN C 39 -9.03 35.28 -8.24
C GLN C 39 -7.91 35.96 -9.03
N ALA C 40 -7.73 35.52 -10.27
CA ALA C 40 -6.86 36.23 -11.21
C ALA C 40 -7.22 37.71 -11.27
N ASN C 41 -6.20 38.56 -11.34
N ASN C 41 -6.19 38.55 -11.40
CA ASN C 41 -6.36 39.99 -11.58
CA ASN C 41 -6.27 40.00 -11.57
C ASN C 41 -7.09 40.67 -10.43
C ASN C 41 -7.04 40.67 -10.43
N SER C 42 -7.13 40.01 -9.27
CA SER C 42 -7.66 40.63 -8.07
C SER C 42 -6.55 41.41 -7.38
N PRO C 43 -6.90 42.32 -6.45
CA PRO C 43 -5.93 42.84 -5.49
C PRO C 43 -5.19 41.75 -4.72
N ALA C 44 -5.81 40.57 -4.62
CA ALA C 44 -5.20 39.50 -3.86
C ALA C 44 -4.01 38.93 -4.62
N SER C 45 -4.22 38.62 -5.92
CA SER C 45 -3.20 38.01 -6.75
C SER C 45 -2.07 39.01 -6.96
N LEU C 46 -2.45 40.26 -7.22
CA LEU C 46 -1.50 41.31 -7.55
C LEU C 46 -0.51 41.54 -6.40
N VAL C 47 -0.90 41.24 -5.16
CA VAL C 47 -0.04 41.57 -4.04
C VAL C 47 0.80 40.34 -3.62
N GLY C 48 0.46 39.15 -4.15
CA GLY C 48 1.21 37.93 -3.92
C GLY C 48 0.52 36.81 -3.12
N LEU C 49 -0.77 36.95 -2.69
CA LEU C 49 -1.45 35.88 -1.96
C LEU C 49 -1.67 34.69 -2.87
N ARG C 50 -1.46 33.49 -2.29
CA ARG C 50 -1.62 32.25 -3.03
C ARG C 50 -2.55 31.31 -2.29
N PHE C 51 -3.14 30.38 -3.07
CA PHE C 51 -3.85 29.25 -2.51
C PHE C 51 -3.00 28.67 -1.39
N GLY C 52 -3.60 28.40 -0.24
CA GLY C 52 -2.96 27.62 0.81
C GLY C 52 -2.21 28.47 1.84
N ASP C 53 -2.19 29.80 1.61
CA ASP C 53 -1.60 30.76 2.52
C ASP C 53 -2.41 30.83 3.81
N GLN C 54 -1.72 31.04 4.93
CA GLN C 54 -2.34 31.21 6.24
C GLN C 54 -2.36 32.70 6.58
N VAL C 55 -3.56 33.17 6.93
CA VAL C 55 -3.81 34.53 7.38
C VAL C 55 -3.83 34.52 8.91
N LEU C 56 -2.82 35.14 9.51
CA LEU C 56 -2.67 35.13 10.96
C LEU C 56 -3.42 36.33 11.56
N GLN C 57 -3.42 37.45 10.84
CA GLN C 57 -4.01 38.69 11.30
C GLN C 57 -4.59 39.44 10.11
N ILE C 58 -5.69 40.15 10.36
CA ILE C 58 -6.29 41.10 9.44
C ILE C 58 -6.41 42.39 10.22
N ASN C 59 -5.88 43.49 9.66
CA ASN C 59 -5.86 44.77 10.33
C ASN C 59 -5.47 44.59 11.80
N GLY C 60 -4.60 43.61 12.07
CA GLY C 60 -3.85 43.58 13.31
C GLY C 60 -4.59 42.83 14.42
N GLU C 61 -5.66 42.12 14.05
CA GLU C 61 -6.42 41.26 14.95
C GLU C 61 -6.13 39.83 14.54
N ASN C 62 -6.09 38.91 15.51
CA ASN C 62 -5.67 37.54 15.28
C ASN C 62 -6.80 36.80 14.61
N CYS C 63 -6.51 35.95 13.62
CA CYS C 63 -7.56 35.20 12.97
C CYS C 63 -7.84 33.87 13.66
N ALA C 64 -7.06 33.55 14.71
CA ALA C 64 -7.17 32.27 15.38
C ALA C 64 -8.58 32.03 15.88
N GLY C 65 -9.12 30.88 15.53
CA GLY C 65 -10.44 30.50 16.02
C GLY C 65 -11.57 30.98 15.12
N TRP C 66 -11.33 31.99 14.27
CA TRP C 66 -12.39 32.56 13.48
C TRP C 66 -13.03 31.46 12.62
N SER C 67 -14.35 31.54 12.45
CA SER C 67 -14.99 30.77 11.39
C SER C 67 -14.71 31.44 10.04
N SER C 68 -14.92 30.68 8.97
CA SER C 68 -14.86 31.16 7.61
C SER C 68 -15.76 32.37 7.43
N ASP C 69 -17.00 32.25 7.93
CA ASP C 69 -18.04 33.28 7.85
C ASP C 69 -17.59 34.56 8.54
N LYS C 70 -16.88 34.41 9.67
CA LYS C 70 -16.43 35.57 10.44
C LYS C 70 -15.26 36.27 9.74
N ALA C 71 -14.38 35.49 9.08
CA ALA C 71 -13.27 36.09 8.36
C ALA C 71 -13.82 36.91 7.18
N HIS C 72 -14.73 36.28 6.43
CA HIS C 72 -15.42 36.95 5.34
C HIS C 72 -16.09 38.24 5.82
N LYS C 73 -16.83 38.17 6.92
CA LYS C 73 -17.58 39.36 7.31
C LYS C 73 -16.63 40.47 7.76
N VAL C 74 -15.50 40.12 8.38
CA VAL C 74 -14.54 41.14 8.81
C VAL C 74 -14.03 41.90 7.59
N LEU C 75 -13.67 41.15 6.56
CA LEU C 75 -13.15 41.77 5.34
C LEU C 75 -14.22 42.65 4.69
N LYS C 76 -15.41 42.08 4.45
CA LYS C 76 -16.62 42.79 4.03
C LYS C 76 -16.77 44.16 4.70
N GLN C 77 -16.55 44.25 6.03
CA GLN C 77 -16.76 45.47 6.80
C GLN C 77 -15.53 46.36 6.92
N ALA C 78 -14.39 45.85 6.47
CA ALA C 78 -13.16 46.61 6.40
C ALA C 78 -13.25 47.62 5.26
N PHE C 79 -13.30 48.91 5.59
CA PHE C 79 -13.27 49.89 4.53
C PHE C 79 -11.99 50.71 4.60
N GLY C 80 -11.81 51.41 5.72
CA GLY C 80 -10.71 52.35 5.95
C GLY C 80 -9.72 52.50 4.79
N GLU C 81 -8.50 52.90 5.15
CA GLU C 81 -7.45 53.30 4.22
C GLU C 81 -7.01 52.09 3.39
N LYS C 82 -6.44 51.09 4.08
CA LYS C 82 -5.93 49.89 3.46
C LYS C 82 -6.50 48.68 4.21
N ILE C 83 -6.18 47.48 3.72
CA ILE C 83 -6.34 46.26 4.49
C ILE C 83 -4.97 45.60 4.65
N THR C 84 -4.47 45.51 5.89
CA THR C 84 -3.22 44.82 6.22
C THR C 84 -3.51 43.36 6.61
N MET C 85 -2.73 42.43 6.08
CA MET C 85 -2.85 41.02 6.41
C MET C 85 -1.45 40.48 6.67
N THR C 86 -1.31 39.77 7.80
CA THR C 86 -0.11 39.00 8.13
C THR C 86 -0.27 37.57 7.66
N ILE C 87 0.69 37.12 6.87
CA ILE C 87 0.61 35.88 6.13
C ILE C 87 1.75 34.96 6.56
N ARG C 88 1.45 33.66 6.71
CA ARG C 88 2.46 32.62 6.65
C ARG C 88 2.25 31.84 5.35
N ASP C 89 3.37 31.60 4.68
CA ASP C 89 3.40 31.19 3.29
C ASP C 89 3.14 29.69 3.22
N ARG C 90 2.12 29.35 2.42
CA ARG C 90 1.68 28.01 2.09
C ARG C 90 2.13 26.90 3.05
N PRO C 91 1.75 26.92 4.37
CA PRO C 91 2.33 26.05 5.39
C PRO C 91 2.04 24.55 5.27
N PHE C 92 0.97 24.19 4.54
CA PHE C 92 0.66 22.80 4.34
C PHE C 92 1.34 22.25 3.10
N GLU C 93 2.10 23.06 2.36
CA GLU C 93 2.65 22.56 1.10
C GLU C 93 4.17 22.49 1.16
N ARG C 94 4.76 21.66 0.31
N ARG C 94 4.76 21.72 0.26
CA ARG C 94 6.20 21.57 0.07
CA ARG C 94 6.20 21.60 0.07
C ARG C 94 6.45 21.68 -1.43
C ARG C 94 6.50 21.53 -1.44
N THR C 95 7.70 21.94 -1.81
CA THR C 95 8.10 21.92 -3.22
C THR C 95 9.16 20.86 -3.42
N ILE C 96 9.04 20.17 -4.55
CA ILE C 96 9.91 19.07 -4.91
C ILE C 96 10.42 19.39 -6.30
N THR C 97 11.75 19.37 -6.47
CA THR C 97 12.33 19.62 -7.79
C THR C 97 12.86 18.35 -8.43
N MET C 98 12.51 18.17 -9.68
CA MET C 98 12.82 16.98 -10.44
C MET C 98 13.35 17.34 -11.85
N HIS C 99 13.90 16.33 -12.53
CA HIS C 99 14.50 16.48 -13.85
C HIS C 99 13.90 15.40 -14.75
N LYS C 100 13.47 15.76 -15.96
CA LYS C 100 12.89 14.79 -16.86
C LYS C 100 13.96 13.77 -17.29
N ASP C 101 13.55 12.52 -17.50
CA ASP C 101 14.41 11.55 -18.14
C ASP C 101 14.59 11.92 -19.62
N SER C 102 15.28 11.05 -20.38
CA SER C 102 15.56 11.27 -21.79
C SER C 102 14.29 11.49 -22.60
N THR C 103 13.27 10.67 -22.30
CA THR C 103 12.02 10.64 -23.02
C THR C 103 11.11 11.80 -22.61
N GLY C 104 11.50 12.58 -21.60
CA GLY C 104 10.79 13.80 -21.21
C GLY C 104 9.85 13.59 -20.03
N HIS C 105 10.04 12.48 -19.29
CA HIS C 105 9.15 12.03 -18.21
C HIS C 105 9.79 12.33 -16.86
N VAL C 106 9.01 12.80 -15.87
CA VAL C 106 9.52 13.07 -14.53
C VAL C 106 9.46 11.82 -13.65
N GLY C 107 8.34 11.11 -13.74
CA GLY C 107 8.19 9.74 -13.26
C GLY C 107 7.08 9.57 -12.24
N PHE C 108 5.89 10.11 -12.53
CA PHE C 108 4.73 9.87 -11.69
C PHE C 108 3.44 9.92 -12.50
N ILE C 109 2.39 9.29 -11.94
CA ILE C 109 1.08 9.15 -12.53
C ILE C 109 0.13 9.92 -11.63
N PHE C 110 -0.80 10.66 -12.23
CA PHE C 110 -1.76 11.39 -11.44
C PHE C 110 -3.16 11.27 -12.03
N LYS C 111 -4.14 11.71 -11.23
CA LYS C 111 -5.56 11.61 -11.55
C LYS C 111 -6.29 12.57 -10.63
N ASN C 112 -7.21 13.35 -11.20
CA ASN C 112 -7.76 14.51 -10.50
C ASN C 112 -6.65 15.31 -9.82
N GLY C 113 -5.44 15.33 -10.41
CA GLY C 113 -4.38 16.20 -9.92
C GLY C 113 -3.70 15.67 -8.65
N LYS C 114 -4.02 14.41 -8.29
CA LYS C 114 -3.51 13.73 -7.12
C LYS C 114 -2.50 12.71 -7.59
N ILE C 115 -1.28 12.75 -7.06
CA ILE C 115 -0.29 11.78 -7.48
C ILE C 115 -0.68 10.41 -6.98
N THR C 116 -0.54 9.38 -7.83
CA THR C 116 -1.12 8.08 -7.55
C THR C 116 -0.12 6.97 -7.74
N SER C 117 0.97 7.21 -8.49
CA SER C 117 2.04 6.23 -8.58
C SER C 117 3.36 6.96 -8.75
N ILE C 118 4.44 6.32 -8.28
CA ILE C 118 5.79 6.80 -8.51
C ILE C 118 6.55 5.73 -9.29
N VAL C 119 7.17 6.13 -10.40
CA VAL C 119 7.84 5.17 -11.26
C VAL C 119 9.23 4.89 -10.71
N LYS C 120 9.63 3.63 -10.76
CA LYS C 120 10.93 3.22 -10.26
C LYS C 120 12.01 3.90 -11.09
N ASP C 121 13.05 4.39 -10.38
CA ASP C 121 14.28 4.89 -10.99
C ASP C 121 14.08 6.23 -11.69
N SER C 122 12.93 6.89 -11.46
CA SER C 122 12.68 8.25 -11.93
C SER C 122 13.31 9.29 -11.00
N SER C 123 13.34 10.53 -11.48
CA SER C 123 13.68 11.68 -10.65
C SER C 123 12.66 11.85 -9.52
N ALA C 124 11.41 11.47 -9.78
CA ALA C 124 10.37 11.49 -8.77
C ALA C 124 10.75 10.58 -7.62
N ALA C 125 11.11 9.33 -7.93
CA ALA C 125 11.58 8.42 -6.93
C ALA C 125 12.77 9.01 -6.16
N ARG C 126 13.85 9.41 -6.88
CA ARG C 126 15.11 9.86 -6.31
C ARG C 126 14.90 11.02 -5.34
N ASN C 127 13.89 11.87 -5.61
CA ASN C 127 13.55 13.03 -4.79
C ASN C 127 12.35 12.73 -3.88
N GLY C 128 11.85 11.48 -3.87
CA GLY C 128 10.89 11.03 -2.88
C GLY C 128 9.59 11.83 -2.88
N LEU C 129 9.11 12.16 -4.09
CA LEU C 129 7.74 12.54 -4.34
C LEU C 129 6.83 11.50 -3.69
N LEU C 130 5.73 11.96 -3.09
CA LEU C 130 4.79 11.09 -2.41
C LEU C 130 3.51 10.94 -3.23
N THR C 131 2.84 9.78 -3.11
CA THR C 131 1.47 9.64 -3.58
C THR C 131 0.51 10.14 -2.52
N GLU C 132 -0.77 10.28 -2.89
CA GLU C 132 -1.81 10.78 -2.01
C GLU C 132 -1.50 12.25 -1.67
N HIS C 133 -1.14 12.98 -2.72
CA HIS C 133 -0.74 14.37 -2.60
C HIS C 133 -1.32 15.11 -3.80
N ASN C 134 -1.98 16.23 -3.56
CA ASN C 134 -2.51 17.03 -4.66
C ASN C 134 -1.44 18.00 -5.17
N ILE C 135 -1.32 18.07 -6.50
CA ILE C 135 -0.49 19.03 -7.21
C ILE C 135 -1.22 20.35 -7.14
N CYS C 136 -0.56 21.35 -6.53
CA CYS C 136 -1.13 22.66 -6.30
C CYS C 136 -0.53 23.65 -7.30
N GLU C 137 0.75 23.46 -7.60
CA GLU C 137 1.52 24.36 -8.44
C GLU C 137 2.55 23.58 -9.24
N ILE C 138 2.85 24.09 -10.47
CA ILE C 138 3.98 23.67 -11.27
C ILE C 138 4.80 24.90 -11.66
N ASN C 139 6.09 24.89 -11.30
CA ASN C 139 6.99 26.01 -11.46
C ASN C 139 6.34 27.31 -11.04
N GLY C 140 5.73 27.30 -9.86
CA GLY C 140 5.17 28.53 -9.31
C GLY C 140 3.76 28.83 -9.81
N GLN C 141 3.26 28.03 -10.75
CA GLN C 141 1.95 28.31 -11.33
C GLN C 141 0.87 27.43 -10.68
N ASN C 142 -0.13 28.08 -10.05
CA ASN C 142 -1.32 27.43 -9.49
C ASN C 142 -2.01 26.64 -10.60
N VAL C 143 -2.15 25.32 -10.43
CA VAL C 143 -2.87 24.51 -11.42
C VAL C 143 -4.16 23.94 -10.83
N ILE C 144 -4.72 24.63 -9.83
CA ILE C 144 -5.85 24.10 -9.10
C ILE C 144 -7.11 24.48 -9.85
N GLY C 145 -7.86 23.48 -10.29
CA GLY C 145 -9.06 23.72 -11.07
C GLY C 145 -8.90 23.29 -12.53
N LEU C 146 -7.66 23.04 -12.96
CA LEU C 146 -7.35 22.66 -14.33
C LEU C 146 -7.56 21.16 -14.51
N LYS C 147 -7.72 20.72 -15.75
CA LYS C 147 -8.10 19.34 -16.03
C LYS C 147 -6.82 18.53 -16.16
N ASP C 148 -6.91 17.21 -16.03
CA ASP C 148 -5.68 16.46 -15.95
C ASP C 148 -4.89 16.72 -17.22
N SER C 149 -5.59 16.81 -18.36
CA SER C 149 -4.91 17.09 -19.61
C SER C 149 -4.24 18.47 -19.55
N GLN C 150 -4.89 19.48 -18.95
CA GLN C 150 -4.28 20.80 -18.89
C GLN C 150 -3.00 20.74 -18.05
N ILE C 151 -3.10 20.09 -16.89
CA ILE C 151 -1.97 19.90 -16.00
C ILE C 151 -0.82 19.27 -16.78
N ALA C 152 -1.12 18.19 -17.52
CA ALA C 152 -0.06 17.43 -18.19
C ALA C 152 0.55 18.21 -19.36
N ASP C 153 -0.19 19.21 -19.87
CA ASP C 153 0.30 20.01 -20.97
C ASP C 153 1.35 20.97 -20.44
N ILE C 154 1.13 21.43 -19.21
CA ILE C 154 2.05 22.35 -18.54
C ILE C 154 3.33 21.60 -18.18
N LEU C 155 3.17 20.32 -17.84
CA LEU C 155 4.29 19.44 -17.52
C LEU C 155 5.10 19.21 -18.79
N SER C 156 4.41 18.89 -19.90
CA SER C 156 5.07 18.75 -21.18
C SER C 156 5.88 20.00 -21.52
N THR C 157 5.26 21.18 -21.45
CA THR C 157 5.81 22.44 -21.95
C THR C 157 6.70 23.14 -20.92
N SER C 158 6.77 22.62 -19.70
CA SER C 158 7.87 23.04 -18.82
C SER C 158 9.17 22.50 -19.39
N GLY C 159 10.27 22.94 -18.83
CA GLY C 159 11.55 22.44 -19.29
C GLY C 159 11.87 21.10 -18.64
N THR C 160 13.18 20.86 -18.49
CA THR C 160 13.73 19.61 -18.02
C THR C 160 13.66 19.54 -16.50
N VAL C 161 13.79 20.72 -15.87
CA VAL C 161 13.77 20.91 -14.43
C VAL C 161 12.38 21.37 -14.00
N VAL C 162 11.66 20.50 -13.30
CA VAL C 162 10.27 20.72 -12.91
C VAL C 162 10.16 20.79 -11.39
N THR C 163 9.63 21.90 -10.89
CA THR C 163 9.31 22.06 -9.48
C THR C 163 7.81 21.87 -9.28
N ILE C 164 7.41 20.83 -8.55
CA ILE C 164 6.00 20.63 -8.21
C ILE C 164 5.75 21.11 -6.79
N THR C 165 4.70 21.89 -6.55
CA THR C 165 4.24 22.16 -5.19
C THR C 165 3.06 21.26 -4.82
N ILE C 166 3.23 20.45 -3.77
CA ILE C 166 2.26 19.42 -3.36
C ILE C 166 1.70 19.67 -1.96
N MET C 167 0.54 19.05 -1.69
CA MET C 167 -0.19 19.15 -0.44
C MET C 167 -0.79 17.79 -0.13
N PRO C 168 -0.63 17.23 1.10
CA PRO C 168 -1.35 16.02 1.48
C PRO C 168 -2.83 16.11 1.06
N ALA C 169 -3.34 15.02 0.46
CA ALA C 169 -4.65 15.03 -0.17
C ALA C 169 -5.75 15.34 0.84
N PHE C 170 -5.60 14.85 2.08
N PHE C 170 -5.64 14.83 2.09
CA PHE C 170 -6.66 14.99 3.07
CA PHE C 170 -6.71 15.00 3.08
C PHE C 170 -6.77 16.44 3.50
C PHE C 170 -6.79 16.46 3.49
N ILE C 171 -5.66 17.18 3.43
CA ILE C 171 -5.68 18.59 3.81
C ILE C 171 -6.22 19.39 2.64
N PHE C 172 -5.88 18.98 1.44
CA PHE C 172 -6.36 19.63 0.22
C PHE C 172 -7.88 19.47 0.14
N GLU C 173 -8.37 18.24 0.37
CA GLU C 173 -9.80 17.94 0.34
C GLU C 173 -10.54 18.78 1.37
N HIS C 174 -9.91 19.03 2.52
CA HIS C 174 -10.55 19.82 3.56
C HIS C 174 -10.62 21.27 3.12
N ILE C 175 -9.52 21.80 2.55
CA ILE C 175 -9.45 23.21 2.22
C ILE C 175 -10.49 23.56 1.15
N ILE C 176 -10.70 22.68 0.15
CA ILE C 176 -11.55 23.02 -0.98
C ILE C 176 -13.03 22.65 -0.71
N LYS C 177 -13.36 22.21 0.52
CA LYS C 177 -14.73 22.20 1.00
C LYS C 177 -15.28 23.61 1.07
N ARG C 178 -16.62 23.70 1.06
CA ARG C 178 -17.39 24.94 1.07
C ARG C 178 -17.28 25.64 -0.27
N MET C 179 -16.99 24.86 -1.32
CA MET C 179 -16.67 25.44 -2.63
C MET C 179 -16.98 24.44 -3.73
N ALA C 180 -17.83 24.86 -4.66
CA ALA C 180 -18.27 24.02 -5.76
C ALA C 180 -17.13 23.86 -6.75
N PRO C 181 -16.83 22.64 -7.25
CA PRO C 181 -15.84 22.48 -8.33
C PRO C 181 -15.98 23.42 -9.53
N SER C 182 -17.21 23.65 -9.99
CA SER C 182 -17.49 24.56 -11.08
C SER C 182 -16.96 25.99 -10.80
N ILE C 183 -17.12 26.48 -9.56
CA ILE C 183 -16.69 27.83 -9.17
C ILE C 183 -15.17 27.87 -9.02
N MET C 184 -14.59 26.83 -8.43
CA MET C 184 -13.15 26.77 -8.20
C MET C 184 -12.44 26.77 -9.56
N LYS C 185 -12.94 25.97 -10.52
CA LYS C 185 -12.33 25.91 -11.85
C LYS C 185 -12.24 27.31 -12.44
N SER C 186 -13.37 28.03 -12.43
CA SER C 186 -13.57 29.19 -13.29
C SER C 186 -12.96 30.45 -12.68
N LEU C 187 -12.75 30.46 -11.35
CA LEU C 187 -12.35 31.68 -10.65
C LEU C 187 -10.88 31.66 -10.21
N MET C 188 -10.28 30.48 -10.09
CA MET C 188 -8.97 30.34 -9.46
C MET C 188 -7.84 30.93 -10.32
N ASP C 189 -7.12 31.92 -9.79
CA ASP C 189 -5.88 32.42 -10.37
C ASP C 189 -4.96 31.30 -10.89
N HIS C 190 -4.62 31.36 -12.19
CA HIS C 190 -3.57 30.56 -12.81
C HIS C 190 -2.58 31.44 -13.56
N THR C 191 -2.54 32.73 -13.17
CA THR C 191 -1.53 33.70 -13.58
C THR C 191 -0.15 33.09 -13.70
N ILE C 192 0.63 33.65 -14.61
CA ILE C 192 2.09 33.58 -14.52
C ILE C 192 2.57 34.99 -14.26
N PRO C 193 3.06 35.29 -13.04
CA PRO C 193 3.14 36.68 -12.56
C PRO C 193 4.32 37.43 -13.19
N GLU C 194 5.40 36.68 -13.42
CA GLU C 194 6.67 37.20 -13.88
C GLU C 194 7.43 36.06 -14.51
N VAL C 195 8.24 36.37 -15.52
CA VAL C 195 8.91 35.34 -16.28
C VAL C 195 10.40 35.67 -16.25
N ILE D 5 -10.19 -6.94 -38.94
CA ILE D 5 -11.12 -7.93 -39.57
C ILE D 5 -10.64 -8.18 -41.01
N LYS D 6 -10.60 -9.47 -41.43
CA LYS D 6 -10.12 -9.86 -42.75
C LYS D 6 -11.28 -10.38 -43.61
N GLN D 7 -11.77 -9.54 -44.54
CA GLN D 7 -12.97 -9.86 -45.32
C GLN D 7 -12.70 -11.04 -46.27
N GLY D 8 -13.79 -11.65 -46.75
CA GLY D 8 -13.72 -12.93 -47.43
C GLY D 8 -13.60 -14.07 -46.42
N ILE D 9 -13.27 -15.25 -46.97
CA ILE D 9 -13.45 -16.53 -46.32
C ILE D 9 -12.11 -17.28 -46.28
N ARG D 10 -11.69 -17.77 -45.10
CA ARG D 10 -10.50 -18.62 -44.99
C ARG D 10 -10.90 -20.05 -44.60
N GLU D 11 -10.29 -21.04 -45.30
CA GLU D 11 -10.33 -22.44 -44.90
C GLU D 11 -9.42 -22.68 -43.69
N VAL D 12 -9.83 -23.58 -42.80
CA VAL D 12 -9.04 -24.00 -41.64
C VAL D 12 -9.13 -25.52 -41.46
N ILE D 13 -8.05 -26.11 -40.91
CA ILE D 13 -7.85 -27.57 -40.77
C ILE D 13 -7.41 -27.85 -39.33
N LEU D 14 -8.33 -28.35 -38.50
CA LEU D 14 -8.07 -28.76 -37.13
C LEU D 14 -7.80 -30.26 -37.12
N CYS D 15 -7.25 -30.71 -35.99
CA CYS D 15 -7.20 -32.11 -35.60
C CYS D 15 -7.65 -32.19 -34.14
N LYS D 16 -8.58 -33.11 -33.89
CA LYS D 16 -9.09 -33.29 -32.54
C LYS D 16 -7.88 -33.54 -31.65
N ASP D 17 -7.99 -33.18 -30.39
CA ASP D 17 -6.98 -33.53 -29.42
C ASP D 17 -7.32 -34.91 -28.85
N GLN D 18 -6.62 -35.32 -27.79
CA GLN D 18 -6.64 -36.69 -27.30
C GLN D 18 -8.05 -37.09 -26.87
N ASP D 19 -8.85 -36.15 -26.37
CA ASP D 19 -10.16 -36.47 -25.84
C ASP D 19 -11.25 -36.31 -26.89
N GLY D 20 -10.85 -36.05 -28.14
CA GLY D 20 -11.76 -35.85 -29.27
C GLY D 20 -12.33 -34.44 -29.34
N LYS D 21 -11.71 -33.50 -28.61
CA LYS D 21 -12.19 -32.13 -28.51
C LYS D 21 -11.55 -31.27 -29.59
N ILE D 22 -12.19 -30.15 -29.90
CA ILE D 22 -11.54 -29.11 -30.68
C ILE D 22 -11.46 -27.80 -29.91
N GLY D 23 -12.13 -27.70 -28.75
CA GLY D 23 -12.27 -26.43 -28.04
C GLY D 23 -13.06 -25.37 -28.84
N LEU D 24 -14.36 -25.63 -29.06
CA LEU D 24 -15.32 -24.69 -29.63
C LEU D 24 -16.64 -24.80 -28.87
N ARG D 25 -17.37 -23.68 -28.86
CA ARG D 25 -18.82 -23.73 -28.74
C ARG D 25 -19.45 -22.92 -29.85
N LEU D 26 -20.71 -23.23 -30.16
CA LEU D 26 -21.30 -22.64 -31.34
C LEU D 26 -22.71 -22.20 -31.04
N LYS D 27 -23.23 -21.25 -31.83
CA LYS D 27 -24.55 -20.71 -31.55
C LYS D 27 -25.29 -20.45 -32.86
N SER D 28 -26.59 -20.78 -32.89
CA SER D 28 -27.40 -20.47 -34.06
C SER D 28 -27.71 -18.98 -33.96
N ILE D 29 -27.38 -18.22 -34.99
CA ILE D 29 -27.81 -16.83 -35.04
C ILE D 29 -28.24 -16.54 -36.47
N ASP D 30 -29.48 -16.11 -36.66
CA ASP D 30 -29.99 -15.68 -37.95
C ASP D 30 -29.70 -16.72 -39.05
N ASN D 31 -29.84 -18.01 -38.69
CA ASN D 31 -29.65 -19.14 -39.58
C ASN D 31 -28.19 -19.28 -40.00
N GLY D 32 -27.30 -18.73 -39.17
CA GLY D 32 -25.89 -18.95 -39.33
C GLY D 32 -25.39 -19.70 -38.13
N ILE D 33 -24.13 -20.11 -38.19
CA ILE D 33 -23.51 -20.71 -37.03
C ILE D 33 -22.29 -19.85 -36.68
N PHE D 34 -22.21 -19.46 -35.41
CA PHE D 34 -21.20 -18.55 -34.93
C PHE D 34 -20.46 -19.14 -33.72
N VAL D 35 -19.17 -18.84 -33.65
CA VAL D 35 -18.37 -19.26 -32.50
C VAL D 35 -18.72 -18.37 -31.30
N GLN D 36 -19.30 -19.02 -30.29
CA GLN D 36 -19.65 -18.45 -28.99
C GLN D 36 -18.50 -18.60 -27.98
N LEU D 37 -17.54 -19.49 -28.29
CA LEU D 37 -16.37 -19.68 -27.43
C LEU D 37 -15.23 -20.42 -28.14
N VAL D 38 -14.02 -19.84 -28.06
CA VAL D 38 -12.81 -20.54 -28.44
C VAL D 38 -12.06 -20.85 -27.15
N GLN D 39 -11.63 -22.11 -26.99
CA GLN D 39 -11.06 -22.56 -25.71
C GLN D 39 -9.55 -22.27 -25.65
N ALA D 40 -9.13 -21.75 -24.50
CA ALA D 40 -7.71 -21.57 -24.23
C ALA D 40 -6.98 -22.92 -24.33
N ASN D 41 -5.90 -22.94 -25.12
CA ASN D 41 -4.98 -24.07 -25.24
C ASN D 41 -5.61 -25.14 -26.14
N SER D 42 -6.30 -24.74 -27.21
CA SER D 42 -7.18 -25.66 -27.90
C SER D 42 -6.78 -25.79 -29.37
N PRO D 43 -7.11 -26.94 -30.02
CA PRO D 43 -6.81 -27.07 -31.44
C PRO D 43 -7.53 -26.00 -32.26
N ALA D 44 -8.52 -25.34 -31.63
CA ALA D 44 -9.27 -24.29 -32.26
C ALA D 44 -8.48 -22.99 -32.24
N SER D 45 -8.09 -22.54 -31.03
CA SER D 45 -7.17 -21.43 -30.82
C SER D 45 -5.94 -21.54 -31.70
N LEU D 46 -5.12 -22.58 -31.40
CA LEU D 46 -3.91 -22.87 -32.15
C LEU D 46 -4.09 -22.56 -33.65
N VAL D 47 -5.22 -22.93 -34.28
CA VAL D 47 -5.32 -22.72 -35.73
C VAL D 47 -5.87 -21.31 -36.04
N GLY D 48 -6.30 -20.58 -35.00
CA GLY D 48 -6.70 -19.18 -35.16
C GLY D 48 -8.18 -18.91 -35.44
N LEU D 49 -9.07 -19.76 -34.87
CA LEU D 49 -10.49 -19.47 -34.74
C LEU D 49 -10.64 -18.47 -33.62
N ARG D 50 -11.66 -17.58 -33.73
CA ARG D 50 -11.99 -16.60 -32.71
C ARG D 50 -13.49 -16.42 -32.47
N PHE D 51 -13.80 -15.98 -31.25
CA PHE D 51 -15.15 -15.65 -30.83
C PHE D 51 -15.81 -14.71 -31.85
N GLY D 52 -17.06 -15.06 -32.19
CA GLY D 52 -17.79 -14.35 -33.24
C GLY D 52 -17.44 -14.77 -34.67
N ASP D 53 -16.50 -15.71 -34.84
CA ASP D 53 -16.22 -16.19 -36.18
C ASP D 53 -17.48 -16.89 -36.68
N GLN D 54 -17.75 -16.79 -37.97
CA GLN D 54 -18.85 -17.54 -38.53
C GLN D 54 -18.28 -18.83 -39.09
N VAL D 55 -18.96 -19.95 -38.79
CA VAL D 55 -18.66 -21.24 -39.42
C VAL D 55 -19.62 -21.51 -40.58
N LEU D 56 -19.10 -21.52 -41.81
CA LEU D 56 -19.90 -21.62 -43.03
C LEU D 56 -20.12 -23.07 -43.47
N GLN D 57 -19.00 -23.76 -43.66
CA GLN D 57 -19.01 -25.18 -43.94
C GLN D 57 -18.37 -25.93 -42.79
N ILE D 58 -18.79 -27.18 -42.62
CA ILE D 58 -17.90 -28.20 -42.08
C ILE D 58 -17.84 -29.36 -43.07
N ASN D 59 -16.58 -29.78 -43.29
CA ASN D 59 -16.16 -30.90 -44.10
C ASN D 59 -16.96 -30.85 -45.39
N GLY D 60 -17.06 -29.65 -45.98
CA GLY D 60 -17.83 -29.45 -47.19
C GLY D 60 -19.29 -29.10 -46.91
N GLU D 61 -19.80 -29.53 -45.76
CA GLU D 61 -21.24 -29.48 -45.49
C GLU D 61 -21.68 -28.13 -44.91
N ASN D 62 -22.60 -27.46 -45.61
CA ASN D 62 -23.12 -26.14 -45.24
C ASN D 62 -23.77 -26.15 -43.86
N CYS D 63 -23.49 -25.11 -43.08
CA CYS D 63 -24.02 -25.04 -41.71
C CYS D 63 -25.32 -24.24 -41.67
N ALA D 64 -25.72 -23.71 -42.82
CA ALA D 64 -26.85 -22.80 -42.88
C ALA D 64 -28.09 -23.48 -42.30
N GLY D 65 -28.61 -22.89 -41.21
CA GLY D 65 -29.91 -23.25 -40.69
C GLY D 65 -29.80 -24.30 -39.61
N TRP D 66 -28.60 -24.86 -39.41
CA TRP D 66 -28.46 -25.84 -38.35
C TRP D 66 -28.70 -25.13 -37.04
N SER D 67 -29.27 -25.88 -36.10
CA SER D 67 -29.37 -25.45 -34.73
C SER D 67 -27.99 -25.57 -34.05
N SER D 68 -27.82 -24.89 -32.92
CA SER D 68 -26.66 -25.08 -32.05
C SER D 68 -26.35 -26.57 -31.97
N ASP D 69 -27.34 -27.36 -31.51
CA ASP D 69 -27.24 -28.80 -31.23
C ASP D 69 -26.74 -29.60 -32.44
N LYS D 70 -27.28 -29.32 -33.62
CA LYS D 70 -26.83 -30.06 -34.78
C LYS D 70 -25.36 -29.79 -35.06
N ALA D 71 -24.91 -28.56 -34.86
CA ALA D 71 -23.57 -28.20 -35.32
C ALA D 71 -22.54 -28.94 -34.46
N HIS D 72 -22.85 -29.02 -33.16
CA HIS D 72 -22.12 -29.75 -32.16
C HIS D 72 -22.01 -31.22 -32.53
N LYS D 73 -23.17 -31.86 -32.58
CA LYS D 73 -23.27 -33.28 -32.82
C LYS D 73 -22.46 -33.60 -34.08
N VAL D 74 -22.59 -32.77 -35.12
CA VAL D 74 -21.86 -33.02 -36.36
C VAL D 74 -20.35 -32.91 -36.11
N LEU D 75 -19.93 -32.29 -35.00
CA LEU D 75 -18.51 -32.14 -34.75
C LEU D 75 -18.00 -33.30 -33.90
N LYS D 76 -18.78 -33.69 -32.91
CA LYS D 76 -18.49 -34.92 -32.18
C LYS D 76 -18.33 -36.09 -33.14
N GLN D 77 -19.22 -36.23 -34.13
CA GLN D 77 -19.25 -37.45 -34.92
C GLN D 77 -18.34 -37.35 -36.17
N ALA D 78 -17.56 -36.27 -36.32
CA ALA D 78 -16.54 -36.23 -37.36
C ALA D 78 -15.46 -37.27 -37.03
N PHE D 79 -15.43 -38.38 -37.79
CA PHE D 79 -14.50 -39.49 -37.60
C PHE D 79 -13.39 -39.39 -38.63
N GLY D 80 -12.88 -38.17 -38.83
CA GLY D 80 -11.84 -37.93 -39.80
C GLY D 80 -10.50 -37.62 -39.12
N GLU D 81 -9.45 -37.68 -39.94
CA GLU D 81 -8.14 -37.19 -39.56
C GLU D 81 -8.20 -35.65 -39.48
N LYS D 82 -8.60 -35.03 -40.60
CA LYS D 82 -8.70 -33.58 -40.75
C LYS D 82 -10.18 -33.17 -40.67
N ILE D 83 -10.44 -32.04 -40.01
CA ILE D 83 -11.72 -31.33 -40.10
C ILE D 83 -11.52 -30.02 -40.86
N THR D 84 -11.99 -29.93 -42.10
CA THR D 84 -11.95 -28.66 -42.82
C THR D 84 -13.13 -27.80 -42.38
N MET D 85 -12.83 -26.59 -41.89
CA MET D 85 -13.85 -25.60 -41.56
C MET D 85 -13.61 -24.34 -42.39
N THR D 86 -14.62 -23.98 -43.17
CA THR D 86 -14.65 -22.72 -43.86
C THR D 86 -15.13 -21.66 -42.87
N ILE D 87 -14.47 -20.50 -42.88
CA ILE D 87 -14.64 -19.50 -41.82
C ILE D 87 -14.69 -18.11 -42.46
N ARG D 88 -15.67 -17.32 -42.01
CA ARG D 88 -15.75 -15.89 -42.29
C ARG D 88 -15.38 -15.16 -41.00
N ASP D 89 -14.57 -14.11 -41.15
CA ASP D 89 -13.90 -13.49 -40.00
C ASP D 89 -14.87 -12.55 -39.28
N ARG D 90 -15.06 -12.78 -37.99
CA ARG D 90 -15.86 -11.98 -37.07
C ARG D 90 -16.73 -10.97 -37.81
N PRO D 91 -17.81 -11.48 -38.43
CA PRO D 91 -18.65 -10.66 -39.30
C PRO D 91 -19.53 -9.64 -38.58
N PHE D 92 -19.87 -9.90 -37.32
CA PHE D 92 -20.69 -9.00 -36.49
C PHE D 92 -19.92 -7.97 -35.67
N GLU D 93 -18.61 -7.80 -35.88
CA GLU D 93 -17.74 -7.02 -35.02
C GLU D 93 -16.94 -6.04 -35.90
N ARG D 94 -16.39 -4.96 -35.34
CA ARG D 94 -15.51 -4.08 -36.09
C ARG D 94 -14.44 -3.55 -35.16
N THR D 95 -13.35 -3.03 -35.72
CA THR D 95 -12.30 -2.49 -34.88
C THR D 95 -12.16 -0.98 -35.10
N ILE D 96 -11.86 -0.25 -34.03
CA ILE D 96 -11.65 1.19 -34.12
C ILE D 96 -10.23 1.47 -33.60
N THR D 97 -9.38 2.14 -34.41
CA THR D 97 -8.06 2.56 -33.95
C THR D 97 -8.17 3.95 -33.30
N MET D 98 -7.88 4.01 -31.99
CA MET D 98 -7.74 5.22 -31.22
C MET D 98 -6.26 5.48 -30.87
N HIS D 99 -5.99 6.63 -30.23
CA HIS D 99 -4.67 7.05 -29.80
C HIS D 99 -4.83 7.73 -28.45
N LYS D 100 -4.03 7.27 -27.49
CA LYS D 100 -4.17 7.71 -26.12
C LYS D 100 -3.76 9.19 -26.01
N ASP D 101 -4.38 9.90 -25.08
CA ASP D 101 -4.09 11.31 -24.88
C ASP D 101 -2.85 11.40 -23.99
N SER D 102 -2.58 12.60 -23.45
CA SER D 102 -1.44 12.79 -22.56
C SER D 102 -1.64 12.02 -21.23
N THR D 103 -2.89 11.67 -20.87
CA THR D 103 -3.23 10.94 -19.66
C THR D 103 -3.25 9.43 -19.85
N GLY D 104 -2.89 8.93 -21.04
CA GLY D 104 -2.97 7.51 -21.36
C GLY D 104 -4.36 7.04 -21.83
N HIS D 105 -5.33 7.98 -21.96
CA HIS D 105 -6.76 7.73 -22.16
C HIS D 105 -7.20 7.97 -23.61
N VAL D 106 -8.35 7.37 -23.98
CA VAL D 106 -8.88 7.43 -25.33
C VAL D 106 -10.32 7.97 -25.35
N GLY D 107 -11.01 8.02 -24.21
CA GLY D 107 -12.18 8.87 -24.13
C GLY D 107 -13.51 8.14 -24.14
N PHE D 108 -13.68 7.14 -23.27
CA PHE D 108 -14.99 6.52 -23.12
C PHE D 108 -15.19 6.00 -21.69
N ILE D 109 -16.47 5.76 -21.37
CA ILE D 109 -16.93 5.10 -20.16
C ILE D 109 -17.52 3.75 -20.56
N PHE D 110 -17.03 2.67 -19.94
CA PHE D 110 -17.52 1.33 -20.26
C PHE D 110 -17.94 0.61 -18.99
N LYS D 111 -19.04 -0.13 -19.08
CA LYS D 111 -19.55 -0.96 -18.01
C LYS D 111 -19.99 -2.36 -18.52
N ASN D 112 -19.57 -3.39 -17.78
CA ASN D 112 -19.90 -4.77 -18.10
C ASN D 112 -19.45 -5.03 -19.51
N GLY D 113 -18.33 -4.41 -19.86
CA GLY D 113 -17.73 -4.45 -21.18
C GLY D 113 -18.55 -3.73 -22.25
N LYS D 114 -19.64 -3.06 -21.83
CA LYS D 114 -20.51 -2.34 -22.76
C LYS D 114 -20.26 -0.83 -22.72
N ILE D 115 -19.77 -0.25 -23.81
CA ILE D 115 -19.52 1.19 -23.93
C ILE D 115 -20.82 1.97 -23.73
N THR D 116 -20.78 2.98 -22.83
CA THR D 116 -21.96 3.69 -22.35
C THR D 116 -21.89 5.22 -22.51
N SER D 117 -20.72 5.83 -22.62
CA SER D 117 -20.66 7.24 -23.00
C SER D 117 -19.33 7.51 -23.65
N ILE D 118 -19.33 8.50 -24.55
CA ILE D 118 -18.13 8.93 -25.27
C ILE D 118 -17.84 10.32 -24.76
N VAL D 119 -16.56 10.59 -24.54
CA VAL D 119 -16.10 11.87 -24.00
C VAL D 119 -15.88 12.82 -25.17
N LYS D 120 -16.30 14.08 -24.96
CA LYS D 120 -16.22 15.16 -25.93
C LYS D 120 -14.77 15.44 -26.31
N ASP D 121 -14.54 15.53 -27.62
CA ASP D 121 -13.25 15.88 -28.17
C ASP D 121 -12.17 14.93 -27.66
N SER D 122 -12.55 13.69 -27.39
CA SER D 122 -11.60 12.60 -27.18
C SER D 122 -11.26 11.89 -28.49
N SER D 123 -10.32 10.96 -28.40
CA SER D 123 -9.93 10.11 -29.52
C SER D 123 -11.04 9.12 -29.90
N ALA D 124 -11.77 8.63 -28.90
CA ALA D 124 -12.98 7.83 -29.13
C ALA D 124 -13.99 8.57 -29.98
N ALA D 125 -14.15 9.87 -29.68
CA ALA D 125 -15.11 10.71 -30.40
C ALA D 125 -14.64 10.94 -31.83
N ARG D 126 -13.39 11.36 -32.00
CA ARG D 126 -12.79 11.56 -33.30
C ARG D 126 -12.90 10.31 -34.18
N ASN D 127 -12.82 9.10 -33.62
CA ASN D 127 -12.83 7.92 -34.46
C ASN D 127 -14.22 7.30 -34.51
N GLY D 128 -15.18 7.88 -33.78
CA GLY D 128 -16.59 7.58 -33.93
C GLY D 128 -17.00 6.28 -33.24
N LEU D 129 -16.47 6.09 -32.03
CA LEU D 129 -16.80 4.94 -31.22
C LEU D 129 -18.25 5.09 -30.78
N LEU D 130 -18.96 3.98 -30.70
CA LEU D 130 -20.39 3.98 -30.46
C LEU D 130 -20.69 3.43 -29.07
N THR D 131 -21.79 3.87 -28.48
CA THR D 131 -22.30 3.28 -27.26
C THR D 131 -23.21 2.10 -27.60
N GLU D 132 -23.72 1.44 -26.55
CA GLU D 132 -24.52 0.23 -26.68
C GLU D 132 -23.78 -0.82 -27.55
N HIS D 133 -22.44 -0.86 -27.42
CA HIS D 133 -21.57 -1.79 -28.14
C HIS D 133 -20.61 -2.47 -27.16
N ASN D 134 -20.37 -3.77 -27.38
CA ASN D 134 -19.66 -4.58 -26.39
C ASN D 134 -18.22 -4.72 -26.82
N ILE D 135 -17.30 -4.77 -25.84
CA ILE D 135 -15.88 -4.83 -26.17
C ILE D 135 -15.49 -6.30 -26.34
N CYS D 136 -15.00 -6.64 -27.53
CA CYS D 136 -14.73 -8.03 -27.85
C CYS D 136 -13.21 -8.30 -27.88
N GLU D 137 -12.40 -7.34 -28.34
CA GLU D 137 -10.97 -7.59 -28.44
C GLU D 137 -10.20 -6.27 -28.35
N ILE D 138 -8.96 -6.36 -27.85
CA ILE D 138 -8.05 -5.24 -27.64
C ILE D 138 -6.74 -5.57 -28.32
N ASN D 139 -6.44 -4.83 -29.39
CA ASN D 139 -5.25 -5.05 -30.19
C ASN D 139 -5.20 -6.49 -30.73
N GLY D 140 -6.34 -7.04 -31.20
CA GLY D 140 -6.45 -8.44 -31.62
C GLY D 140 -6.69 -9.47 -30.48
N GLN D 141 -6.71 -9.03 -29.20
CA GLN D 141 -6.82 -9.95 -28.07
C GLN D 141 -8.21 -9.99 -27.45
N ASN D 142 -8.78 -11.21 -27.41
CA ASN D 142 -10.05 -11.56 -26.78
C ASN D 142 -10.05 -11.21 -25.30
N VAL D 143 -11.13 -10.56 -24.84
CA VAL D 143 -11.25 -10.03 -23.48
C VAL D 143 -12.66 -10.27 -22.96
N ILE D 144 -13.37 -11.19 -23.63
CA ILE D 144 -14.76 -11.43 -23.32
C ILE D 144 -14.86 -12.29 -22.07
N GLY D 145 -15.63 -11.80 -21.09
CA GLY D 145 -15.86 -12.53 -19.87
C GLY D 145 -15.05 -11.99 -18.69
N LEU D 146 -13.89 -11.35 -18.98
CA LEU D 146 -13.01 -10.74 -17.98
C LEU D 146 -13.79 -9.70 -17.20
N LYS D 147 -13.12 -9.08 -16.22
CA LYS D 147 -13.66 -7.99 -15.42
C LYS D 147 -13.26 -6.65 -16.06
N ASP D 148 -14.04 -5.60 -15.77
CA ASP D 148 -13.81 -4.29 -16.37
C ASP D 148 -12.36 -3.88 -16.08
N SER D 149 -11.95 -3.99 -14.81
CA SER D 149 -10.64 -3.56 -14.38
C SER D 149 -9.56 -4.23 -15.25
N GLN D 150 -9.79 -5.48 -15.62
CA GLN D 150 -8.76 -6.22 -16.36
C GLN D 150 -8.75 -5.74 -17.80
N ILE D 151 -9.93 -5.34 -18.27
CA ILE D 151 -10.07 -4.62 -19.52
C ILE D 151 -9.41 -3.25 -19.32
N ALA D 152 -9.79 -2.50 -18.27
CA ALA D 152 -9.03 -1.32 -17.87
C ALA D 152 -7.51 -1.56 -18.04
N ASP D 153 -7.00 -2.67 -17.49
CA ASP D 153 -5.56 -2.91 -17.46
C ASP D 153 -5.02 -3.14 -18.87
N ILE D 154 -5.75 -3.91 -19.69
CA ILE D 154 -5.22 -4.29 -20.98
C ILE D 154 -5.13 -3.04 -21.87
N LEU D 155 -6.11 -2.13 -21.70
CA LEU D 155 -6.12 -0.84 -22.38
C LEU D 155 -4.82 -0.09 -22.08
N SER D 156 -4.45 0.02 -20.79
CA SER D 156 -3.32 0.86 -20.43
C SER D 156 -2.01 0.19 -20.87
N THR D 157 -1.91 -1.15 -20.78
CA THR D 157 -0.71 -1.80 -21.30
C THR D 157 -0.68 -1.81 -22.83
N SER D 158 -1.62 -1.13 -23.49
CA SER D 158 -1.48 -0.95 -24.92
C SER D 158 -0.37 0.06 -25.18
N GLY D 159 0.31 -0.09 -26.33
CA GLY D 159 0.95 1.03 -27.01
C GLY D 159 0.00 2.23 -27.12
N THR D 160 0.51 3.38 -27.59
CA THR D 160 -0.36 4.55 -27.64
C THR D 160 -1.51 4.23 -28.60
N VAL D 161 -1.15 3.70 -29.79
CA VAL D 161 -2.08 3.11 -30.73
C VAL D 161 -2.80 1.95 -30.05
N VAL D 162 -4.09 2.18 -29.70
CA VAL D 162 -5.03 1.21 -29.12
C VAL D 162 -6.13 0.86 -30.14
N THR D 163 -6.16 -0.40 -30.59
CA THR D 163 -7.26 -0.91 -31.39
C THR D 163 -8.28 -1.59 -30.47
N ILE D 164 -9.57 -1.29 -30.68
CA ILE D 164 -10.61 -2.04 -30.00
C ILE D 164 -11.54 -2.67 -31.02
N THR D 165 -12.01 -3.86 -30.66
CA THR D 165 -12.98 -4.63 -31.41
C THR D 165 -14.32 -4.62 -30.67
N ILE D 166 -15.39 -4.19 -31.37
CA ILE D 166 -16.68 -3.99 -30.74
C ILE D 166 -17.77 -4.77 -31.50
N MET D 167 -18.87 -5.03 -30.80
CA MET D 167 -20.04 -5.73 -31.33
C MET D 167 -21.28 -5.00 -30.83
N PRO D 168 -22.34 -4.78 -31.64
CA PRO D 168 -23.57 -4.20 -31.10
C PRO D 168 -24.19 -5.07 -30.03
N ALA D 169 -24.66 -4.44 -28.95
CA ALA D 169 -24.95 -5.14 -27.72
C ALA D 169 -26.13 -6.10 -27.87
N PHE D 170 -27.09 -5.79 -28.74
N PHE D 170 -27.06 -5.79 -28.77
CA PHE D 170 -28.22 -6.70 -28.94
CA PHE D 170 -28.23 -6.65 -28.92
C PHE D 170 -27.71 -8.03 -29.48
C PHE D 170 -27.83 -7.97 -29.60
N ILE D 171 -26.75 -7.96 -30.41
CA ILE D 171 -26.19 -9.18 -30.97
C ILE D 171 -25.29 -9.84 -29.93
N PHE D 172 -24.48 -9.06 -29.23
CA PHE D 172 -23.57 -9.65 -28.26
C PHE D 172 -24.38 -10.56 -27.35
N GLU D 173 -25.45 -10.02 -26.80
CA GLU D 173 -26.30 -10.73 -25.86
C GLU D 173 -26.93 -11.96 -26.49
N HIS D 174 -27.20 -11.93 -27.78
CA HIS D 174 -27.74 -13.10 -28.44
C HIS D 174 -26.64 -14.19 -28.49
N ILE D 175 -25.39 -13.83 -28.83
CA ILE D 175 -24.33 -14.80 -29.07
C ILE D 175 -24.02 -15.52 -27.75
N ILE D 176 -24.01 -14.80 -26.64
CA ILE D 176 -23.59 -15.39 -25.37
C ILE D 176 -24.75 -16.15 -24.71
N LYS D 177 -25.99 -16.08 -25.24
CA LYS D 177 -27.07 -16.88 -24.65
C LYS D 177 -26.79 -18.38 -24.72
N ARG D 178 -27.27 -19.11 -23.68
CA ARG D 178 -27.12 -20.56 -23.49
C ARG D 178 -25.81 -20.90 -22.75
N MET D 179 -24.84 -19.99 -22.70
CA MET D 179 -23.50 -20.29 -22.18
C MET D 179 -23.44 -19.81 -20.75
N ALA D 180 -23.05 -20.76 -19.88
CA ALA D 180 -23.02 -20.54 -18.45
C ALA D 180 -21.88 -19.57 -18.13
N PRO D 181 -22.18 -18.47 -17.40
CA PRO D 181 -21.16 -17.44 -17.09
C PRO D 181 -19.83 -18.03 -16.63
N SER D 182 -19.97 -19.14 -15.89
CA SER D 182 -18.86 -19.92 -15.36
C SER D 182 -17.93 -20.39 -16.48
N ILE D 183 -18.50 -20.79 -17.62
CA ILE D 183 -17.70 -21.36 -18.69
C ILE D 183 -16.96 -20.23 -19.41
N MET D 184 -17.66 -19.10 -19.60
CA MET D 184 -17.20 -17.99 -20.42
C MET D 184 -15.87 -17.48 -19.83
N LYS D 185 -15.92 -17.23 -18.50
CA LYS D 185 -14.79 -16.85 -17.65
C LYS D 185 -13.68 -17.90 -17.59
N SER D 186 -14.03 -19.19 -17.36
CA SER D 186 -13.03 -20.24 -17.21
C SER D 186 -12.33 -20.62 -18.54
N LEU D 187 -13.00 -20.56 -19.70
CA LEU D 187 -12.54 -21.37 -20.81
C LEU D 187 -12.01 -20.54 -21.97
N MET D 188 -12.31 -19.22 -21.95
CA MET D 188 -12.16 -18.41 -23.14
C MET D 188 -10.69 -17.98 -23.40
N ASP D 189 -10.17 -18.32 -24.59
CA ASP D 189 -8.85 -17.92 -25.09
C ASP D 189 -8.59 -16.42 -24.94
N HIS D 190 -7.50 -16.08 -24.22
CA HIS D 190 -7.08 -14.70 -23.94
C HIS D 190 -5.65 -14.44 -24.44
N THR D 191 -5.06 -15.40 -25.15
CA THR D 191 -3.63 -15.39 -25.40
C THR D 191 -3.25 -14.36 -26.48
N ILE D 192 -2.01 -13.88 -26.41
CA ILE D 192 -1.52 -13.05 -27.50
C ILE D 192 -0.20 -13.63 -28.03
N PRO D 193 0.19 -13.27 -29.27
CA PRO D 193 1.30 -13.96 -29.93
C PRO D 193 2.66 -13.70 -29.26
N GLU D 194 2.79 -12.60 -28.51
CA GLU D 194 3.99 -12.27 -27.75
C GLU D 194 3.70 -11.05 -26.87
N VAL D 195 4.57 -10.86 -25.88
CA VAL D 195 4.61 -9.66 -25.11
C VAL D 195 5.82 -8.82 -25.57
#